data_2E2F
# 
_entry.id   2E2F 
# 
_audit_conform.dict_name       mmcif_pdbx.dic 
_audit_conform.dict_version    5.392 
_audit_conform.dict_location   http://mmcif.pdb.org/dictionaries/ascii/mmcif_pdbx.dic 
# 
loop_
_database_2.database_id 
_database_2.database_code 
_database_2.pdbx_database_accession 
_database_2.pdbx_DOI 
PDB   2E2F         pdb_00002e2f 10.2210/pdb2e2f/pdb 
RCSB  RCSB026139   ?            ?                   
WWPDB D_1000026139 ?            ?                   
BMRB  6729         ?            10.13018/BMR6729    
# 
loop_
_pdbx_audit_revision_history.ordinal 
_pdbx_audit_revision_history.data_content_type 
_pdbx_audit_revision_history.major_revision 
_pdbx_audit_revision_history.minor_revision 
_pdbx_audit_revision_history.revision_date 
1 'Structure model' 1 0 2007-11-13 
2 'Structure model' 1 1 2011-07-13 
3 'Structure model' 1 2 2020-02-26 
4 'Structure model' 2 0 2022-11-09 
5 'Structure model' 2 1 2023-06-14 
6 'Structure model' 2 2 2024-05-15 
# 
_pdbx_audit_revision_details.ordinal             1 
_pdbx_audit_revision_details.revision_ordinal    1 
_pdbx_audit_revision_details.data_content_type   'Structure model' 
_pdbx_audit_revision_details.provider            repository 
_pdbx_audit_revision_details.type                'Initial release' 
_pdbx_audit_revision_details.description         ? 
_pdbx_audit_revision_details.details             ? 
# 
loop_
_pdbx_audit_revision_group.ordinal 
_pdbx_audit_revision_group.revision_ordinal 
_pdbx_audit_revision_group.data_content_type 
_pdbx_audit_revision_group.group 
1  2 'Structure model' 'Version format compliance' 
2  3 'Structure model' 'Data collection'           
3  3 'Structure model' 'Database references'       
4  3 'Structure model' 'Derived calculations'      
5  3 'Structure model' Other                       
6  4 'Structure model' Advisory                    
7  4 'Structure model' 'Atomic model'              
8  4 'Structure model' 'Data collection'           
9  4 'Structure model' 'Database references'       
10 4 'Structure model' 'Derived calculations'      
11 5 'Structure model' Other                       
12 6 'Structure model' 'Data collection'           
13 6 'Structure model' 'Database references'       
# 
loop_
_pdbx_audit_revision_category.ordinal 
_pdbx_audit_revision_category.revision_ordinal 
_pdbx_audit_revision_category.data_content_type 
_pdbx_audit_revision_category.category 
1  3 'Structure model' database_2                  
2  3 'Structure model' pdbx_database_status        
3  3 'Structure model' pdbx_nmr_spectrometer       
4  3 'Structure model' pdbx_struct_assembly        
5  3 'Structure model' pdbx_struct_oper_list       
6  4 'Structure model' atom_site                   
7  4 'Structure model' database_2                  
8  4 'Structure model' pdbx_nmr_ensemble           
9  4 'Structure model' pdbx_nmr_software           
10 4 'Structure model' pdbx_struct_sheet_hbond     
11 4 'Structure model' pdbx_validate_close_contact 
12 4 'Structure model' pdbx_validate_planes        
13 4 'Structure model' pdbx_validate_torsion       
14 4 'Structure model' struct_conf                 
15 4 'Structure model' struct_conn                 
16 4 'Structure model' struct_sheet                
17 4 'Structure model' struct_sheet_order          
18 4 'Structure model' struct_sheet_range          
19 5 'Structure model' pdbx_database_status        
20 6 'Structure model' chem_comp_atom              
21 6 'Structure model' chem_comp_bond              
22 6 'Structure model' database_2                  
# 
loop_
_pdbx_audit_revision_item.ordinal 
_pdbx_audit_revision_item.revision_ordinal 
_pdbx_audit_revision_item.data_content_type 
_pdbx_audit_revision_item.item 
1  3 'Structure model' '_pdbx_database_status.status_code_cs'                 
2  3 'Structure model' '_pdbx_nmr_spectrometer.model'                         
3  4 'Structure model' '_database_2.pdbx_DOI'                                 
4  4 'Structure model' '_database_2.pdbx_database_accession'                  
5  4 'Structure model' '_pdbx_nmr_ensemble.conformers_submitted_total_number' 
6  4 'Structure model' '_pdbx_nmr_software.authors'                           
7  4 'Structure model' '_pdbx_nmr_software.classification'                    
8  4 'Structure model' '_pdbx_nmr_software.name'                              
9  4 'Structure model' '_pdbx_nmr_software.version'                           
10 4 'Structure model' '_struct_conf.beg_auth_comp_id'                        
11 4 'Structure model' '_struct_conf.beg_auth_seq_id'                         
12 4 'Structure model' '_struct_conf.beg_label_comp_id'                       
13 4 'Structure model' '_struct_conf.beg_label_seq_id'                        
14 4 'Structure model' '_struct_conf.end_auth_comp_id'                        
15 4 'Structure model' '_struct_conf.end_auth_seq_id'                         
16 4 'Structure model' '_struct_conf.end_label_comp_id'                       
17 4 'Structure model' '_struct_conf.end_label_seq_id'                        
18 4 'Structure model' '_struct_conf.pdbx_PDB_helix_length'                   
19 4 'Structure model' '_struct_sheet.number_strands'                         
20 5 'Structure model' '_pdbx_database_status.status_code_nmr_data'           
21 6 'Structure model' '_database_2.pdbx_DOI'                                 
# 
_pdbx_database_status.status_code                     REL 
_pdbx_database_status.entry_id                        2E2F 
_pdbx_database_status.recvd_initial_deposition_date   2006-11-12 
_pdbx_database_status.deposit_site                    PDBJ 
_pdbx_database_status.process_site                    PDBJ 
_pdbx_database_status.status_code_sf                  ? 
_pdbx_database_status.status_code_mr                  REL 
_pdbx_database_status.SG_entry                        ? 
_pdbx_database_status.pdb_format_compatible           Y 
_pdbx_database_status.status_code_cs                  REL 
_pdbx_database_status.methods_development_category    ? 
_pdbx_database_status.status_code_nmr_data            REL 
# 
_pdbx_database_related.db_name        BMRB 
_pdbx_database_related.db_id          6729 
_pdbx_database_related.details        . 
_pdbx_database_related.content_type   unspecified 
# 
loop_
_audit_author.name 
_audit_author.pdbx_ordinal 
'Kouno, T.'     1 
'Mizuguchi, M.' 2 
'Suzuki, K.'    3 
'Kawano, K.'    4 
# 
_citation.id                        primary 
_citation.title                     
'The structure of a novel insect peptide explains its Ca2+ channel blocking and antifungal activities' 
_citation.journal_abbrev            Biochemistry 
_citation.journal_volume            46 
_citation.page_first                13733 
_citation.page_last                 13741 
_citation.year                      2007 
_citation.journal_id_ASTM           BICHAW 
_citation.country                   US 
_citation.journal_id_ISSN           0006-2960 
_citation.journal_id_CSD            0033 
_citation.book_publisher            ? 
_citation.pdbx_database_id_PubMed   17994764 
_citation.pdbx_database_id_DOI      10.1021/bi701319t 
# 
loop_
_citation_author.citation_id 
_citation_author.name 
_citation_author.ordinal 
_citation_author.identifier_ORCID 
primary 'Kouno, T.'     1  ? 
primary 'Mizuguchi, M.' 2  ? 
primary 'Tanaka, H.'    3  ? 
primary 'Yang, P.'      4  ? 
primary 'Mori, Y.'      5  ? 
primary 'Shinoda, H.'   6  ? 
primary 'Unoki, K.'     7  ? 
primary 'Aizawa, T.'    8  ? 
primary 'Demura, M.'    9  ? 
primary 'Suzuki, K.'    10 ? 
primary 'Kawano, K.'    11 ? 
# 
_entity.id                         1 
_entity.type                       polymer 
_entity.src_method                 nat 
_entity.pdbx_description           Diapausin 
_entity.formula_weight             4480.151 
_entity.pdbx_number_of_molecules   1 
_entity.pdbx_ec                    ? 
_entity.pdbx_mutation              ? 
_entity.pdbx_fragment              ? 
_entity.details                    ? 
# 
_entity_name_com.entity_id   1 
_entity_name_com.name        'Diapause-specific peptide, DSP' 
# 
_entity_poly.entity_id                      1 
_entity_poly.type                           'polypeptide(L)' 
_entity_poly.nstd_linkage                   no 
_entity_poly.nstd_monomer                   no 
_entity_poly.pdbx_seq_one_letter_code       AVRIGPCDQVCPRIVPERHECCRAHGRSGYAYCSGGGMYCN 
_entity_poly.pdbx_seq_one_letter_code_can   AVRIGPCDQVCPRIVPERHECCRAHGRSGYAYCSGGGMYCN 
_entity_poly.pdbx_strand_id                 A 
_entity_poly.pdbx_target_identifier         ? 
# 
loop_
_entity_poly_seq.entity_id 
_entity_poly_seq.num 
_entity_poly_seq.mon_id 
_entity_poly_seq.hetero 
1 1  ALA n 
1 2  VAL n 
1 3  ARG n 
1 4  ILE n 
1 5  GLY n 
1 6  PRO n 
1 7  CYS n 
1 8  ASP n 
1 9  GLN n 
1 10 VAL n 
1 11 CYS n 
1 12 PRO n 
1 13 ARG n 
1 14 ILE n 
1 15 VAL n 
1 16 PRO n 
1 17 GLU n 
1 18 ARG n 
1 19 HIS n 
1 20 GLU n 
1 21 CYS n 
1 22 CYS n 
1 23 ARG n 
1 24 ALA n 
1 25 HIS n 
1 26 GLY n 
1 27 ARG n 
1 28 SER n 
1 29 GLY n 
1 30 TYR n 
1 31 ALA n 
1 32 TYR n 
1 33 CYS n 
1 34 SER n 
1 35 GLY n 
1 36 GLY n 
1 37 GLY n 
1 38 MET n 
1 39 TYR n 
1 40 CYS n 
1 41 ASN n 
# 
_entity_src_nat.entity_id                  1 
_entity_src_nat.pdbx_src_id                1 
_entity_src_nat.pdbx_alt_source_flag       sample 
_entity_src_nat.pdbx_beg_seq_num           ? 
_entity_src_nat.pdbx_end_seq_num           ? 
_entity_src_nat.common_name                'Leaf beetle' 
_entity_src_nat.pdbx_organism_scientific   'Gastrophysa atrocyanea' 
_entity_src_nat.pdbx_ncbi_taxonomy_id      169758 
_entity_src_nat.genus                      ? 
_entity_src_nat.species                    ? 
_entity_src_nat.strain                     ? 
_entity_src_nat.tissue                     ? 
_entity_src_nat.tissue_fraction            ? 
_entity_src_nat.pdbx_secretion             ? 
_entity_src_nat.pdbx_fragment              ? 
_entity_src_nat.pdbx_variant               ? 
_entity_src_nat.pdbx_cell_line             ? 
_entity_src_nat.pdbx_atcc                  ? 
_entity_src_nat.pdbx_cellular_location     ? 
_entity_src_nat.pdbx_organ                 ? 
_entity_src_nat.pdbx_organelle             ? 
_entity_src_nat.pdbx_cell                  ? 
_entity_src_nat.pdbx_plasmid_name          ? 
_entity_src_nat.pdbx_plasmid_details       ? 
_entity_src_nat.details                    ? 
# 
loop_
_chem_comp.id 
_chem_comp.type 
_chem_comp.mon_nstd_flag 
_chem_comp.name 
_chem_comp.pdbx_synonyms 
_chem_comp.formula 
_chem_comp.formula_weight 
ALA 'L-peptide linking' y ALANINE         ? 'C3 H7 N O2'     89.093  
ARG 'L-peptide linking' y ARGININE        ? 'C6 H15 N4 O2 1' 175.209 
ASN 'L-peptide linking' y ASPARAGINE      ? 'C4 H8 N2 O3'    132.118 
ASP 'L-peptide linking' y 'ASPARTIC ACID' ? 'C4 H7 N O4'     133.103 
CYS 'L-peptide linking' y CYSTEINE        ? 'C3 H7 N O2 S'   121.158 
GLN 'L-peptide linking' y GLUTAMINE       ? 'C5 H10 N2 O3'   146.144 
GLU 'L-peptide linking' y 'GLUTAMIC ACID' ? 'C5 H9 N O4'     147.129 
GLY 'peptide linking'   y GLYCINE         ? 'C2 H5 N O2'     75.067  
HIS 'L-peptide linking' y HISTIDINE       ? 'C6 H10 N3 O2 1' 156.162 
ILE 'L-peptide linking' y ISOLEUCINE      ? 'C6 H13 N O2'    131.173 
MET 'L-peptide linking' y METHIONINE      ? 'C5 H11 N O2 S'  149.211 
PRO 'L-peptide linking' y PROLINE         ? 'C5 H9 N O2'     115.130 
SER 'L-peptide linking' y SERINE          ? 'C3 H7 N O3'     105.093 
TYR 'L-peptide linking' y TYROSINE        ? 'C9 H11 N O3'    181.189 
VAL 'L-peptide linking' y VALINE          ? 'C5 H11 N O2'    117.146 
# 
loop_
_pdbx_poly_seq_scheme.asym_id 
_pdbx_poly_seq_scheme.entity_id 
_pdbx_poly_seq_scheme.seq_id 
_pdbx_poly_seq_scheme.mon_id 
_pdbx_poly_seq_scheme.ndb_seq_num 
_pdbx_poly_seq_scheme.pdb_seq_num 
_pdbx_poly_seq_scheme.auth_seq_num 
_pdbx_poly_seq_scheme.pdb_mon_id 
_pdbx_poly_seq_scheme.auth_mon_id 
_pdbx_poly_seq_scheme.pdb_strand_id 
_pdbx_poly_seq_scheme.pdb_ins_code 
_pdbx_poly_seq_scheme.hetero 
A 1 1  ALA 1  1  1  ALA ALA A . n 
A 1 2  VAL 2  2  2  VAL VAL A . n 
A 1 3  ARG 3  3  3  ARG ARG A . n 
A 1 4  ILE 4  4  4  ILE ILE A . n 
A 1 5  GLY 5  5  5  GLY GLY A . n 
A 1 6  PRO 6  6  6  PRO PRO A . n 
A 1 7  CYS 7  7  7  CYS CYS A . n 
A 1 8  ASP 8  8  8  ASP ASP A . n 
A 1 9  GLN 9  9  9  GLN GLN A . n 
A 1 10 VAL 10 10 10 VAL VAL A . n 
A 1 11 CYS 11 11 11 CYS CYS A . n 
A 1 12 PRO 12 12 12 PRO PRO A . n 
A 1 13 ARG 13 13 13 ARG ARG A . n 
A 1 14 ILE 14 14 14 ILE ILE A . n 
A 1 15 VAL 15 15 15 VAL VAL A . n 
A 1 16 PRO 16 16 16 PRO PRO A . n 
A 1 17 GLU 17 17 17 GLU GLU A . n 
A 1 18 ARG 18 18 18 ARG ARG A . n 
A 1 19 HIS 19 19 19 HIS HIS A . n 
A 1 20 GLU 20 20 20 GLU GLU A . n 
A 1 21 CYS 21 21 21 CYS CYS A . n 
A 1 22 CYS 22 22 22 CYS CYS A . n 
A 1 23 ARG 23 23 23 ARG ARG A . n 
A 1 24 ALA 24 24 24 ALA ALA A . n 
A 1 25 HIS 25 25 25 HIS HIS A . n 
A 1 26 GLY 26 26 26 GLY GLY A . n 
A 1 27 ARG 27 27 27 ARG ARG A . n 
A 1 28 SER 28 28 28 SER SER A . n 
A 1 29 GLY 29 29 29 GLY GLY A . n 
A 1 30 TYR 30 30 30 TYR TYR A . n 
A 1 31 ALA 31 31 31 ALA ALA A . n 
A 1 32 TYR 32 32 32 TYR TYR A . n 
A 1 33 CYS 33 33 33 CYS CYS A . n 
A 1 34 SER 34 34 34 SER SER A . n 
A 1 35 GLY 35 35 35 GLY GLY A . n 
A 1 36 GLY 36 36 36 GLY GLY A . n 
A 1 37 GLY 37 37 37 GLY GLY A . n 
A 1 38 MET 38 38 38 MET MET A . n 
A 1 39 TYR 39 39 39 TYR TYR A . n 
A 1 40 CYS 40 40 40 CYS CYS A . n 
A 1 41 ASN 41 41 41 ASN ASN A . n 
# 
_exptl.entry_id          2E2F 
_exptl.method            'SOLUTION NMR' 
_exptl.crystals_number   ? 
# 
_struct.entry_id                  2E2F 
_struct.title                     'Solution structure of DSP' 
_struct.pdbx_model_details        ? 
_struct.pdbx_CASP_flag            ? 
_struct.pdbx_model_type_details   ? 
# 
_struct_keywords.entry_id        2E2F 
_struct_keywords.pdbx_keywords   'ANTIFUNGAL PROTEIN' 
_struct_keywords.text            'Ca-channel blocker, antifungal peptide, Structural Genomics, ANTIFUNGAL PROTEIN' 
# 
_struct_asym.id                            A 
_struct_asym.pdbx_blank_PDB_chainid_flag   N 
_struct_asym.pdbx_modified                 N 
_struct_asym.entity_id                     1 
_struct_asym.details                       ? 
# 
_struct_ref.id                         1 
_struct_ref.db_name                    UNP 
_struct_ref.db_code                    DIAP_GASAT 
_struct_ref.pdbx_db_accession          Q8T0W8 
_struct_ref.entity_id                  1 
_struct_ref.pdbx_seq_one_letter_code   AVRIGPCDQVCPRIVPERHECCRAHGRSGYAYCSGGGMYCN 
_struct_ref.pdbx_align_begin           25 
_struct_ref.pdbx_db_isoform            ? 
# 
_struct_ref_seq.align_id                      1 
_struct_ref_seq.ref_id                        1 
_struct_ref_seq.pdbx_PDB_id_code              2E2F 
_struct_ref_seq.pdbx_strand_id                A 
_struct_ref_seq.seq_align_beg                 1 
_struct_ref_seq.pdbx_seq_align_beg_ins_code   ? 
_struct_ref_seq.seq_align_end                 41 
_struct_ref_seq.pdbx_seq_align_end_ins_code   ? 
_struct_ref_seq.pdbx_db_accession             Q8T0W8 
_struct_ref_seq.db_align_beg                  25 
_struct_ref_seq.pdbx_db_align_beg_ins_code    ? 
_struct_ref_seq.db_align_end                  65 
_struct_ref_seq.pdbx_db_align_end_ins_code    ? 
_struct_ref_seq.pdbx_auth_seq_align_beg       1 
_struct_ref_seq.pdbx_auth_seq_align_end       41 
# 
_pdbx_struct_assembly.id                   1 
_pdbx_struct_assembly.details              author_defined_assembly 
_pdbx_struct_assembly.method_details       ? 
_pdbx_struct_assembly.oligomeric_details   monomeric 
_pdbx_struct_assembly.oligomeric_count     1 
# 
_pdbx_struct_assembly_gen.assembly_id       1 
_pdbx_struct_assembly_gen.oper_expression   1 
_pdbx_struct_assembly_gen.asym_id_list      A 
# 
_pdbx_struct_oper_list.id                   1 
_pdbx_struct_oper_list.type                 'identity operation' 
_pdbx_struct_oper_list.name                 1_555 
_pdbx_struct_oper_list.symmetry_operation   ? 
_pdbx_struct_oper_list.matrix[1][1]         1.0000000000 
_pdbx_struct_oper_list.matrix[1][2]         0.0000000000 
_pdbx_struct_oper_list.matrix[1][3]         0.0000000000 
_pdbx_struct_oper_list.vector[1]            0.0000000000 
_pdbx_struct_oper_list.matrix[2][1]         0.0000000000 
_pdbx_struct_oper_list.matrix[2][2]         1.0000000000 
_pdbx_struct_oper_list.matrix[2][3]         0.0000000000 
_pdbx_struct_oper_list.vector[2]            0.0000000000 
_pdbx_struct_oper_list.matrix[3][1]         0.0000000000 
_pdbx_struct_oper_list.matrix[3][2]         0.0000000000 
_pdbx_struct_oper_list.matrix[3][3]         1.0000000000 
_pdbx_struct_oper_list.vector[3]            0.0000000000 
# 
loop_
_struct_conf.conf_type_id 
_struct_conf.id 
_struct_conf.pdbx_PDB_helix_id 
_struct_conf.beg_label_comp_id 
_struct_conf.beg_label_asym_id 
_struct_conf.beg_label_seq_id 
_struct_conf.pdbx_beg_PDB_ins_code 
_struct_conf.end_label_comp_id 
_struct_conf.end_label_asym_id 
_struct_conf.end_label_seq_id 
_struct_conf.pdbx_end_PDB_ins_code 
_struct_conf.beg_auth_comp_id 
_struct_conf.beg_auth_asym_id 
_struct_conf.beg_auth_seq_id 
_struct_conf.end_auth_comp_id 
_struct_conf.end_auth_asym_id 
_struct_conf.end_auth_seq_id 
_struct_conf.pdbx_PDB_helix_class 
_struct_conf.details 
_struct_conf.pdbx_PDB_helix_length 
HELX_P HELX_P1 1 PRO A 6  ? CYS A 11 ? PRO A 6  CYS A 11 1 ? 6  
HELX_P HELX_P2 2 VAL A 15 ? HIS A 25 ? VAL A 15 HIS A 25 1 ? 11 
# 
_struct_conf_type.id          HELX_P 
_struct_conf_type.criteria    ? 
_struct_conf_type.reference   ? 
# 
_struct_sheet.id               A 
_struct_sheet.type             ? 
_struct_sheet.number_strands   3 
_struct_sheet.details          ? 
# 
loop_
_struct_sheet_order.sheet_id 
_struct_sheet_order.range_id_1 
_struct_sheet_order.range_id_2 
_struct_sheet_order.offset 
_struct_sheet_order.sense 
A 1 2 ? anti-parallel 
A 2 3 ? anti-parallel 
# 
loop_
_struct_sheet_range.sheet_id 
_struct_sheet_range.id 
_struct_sheet_range.beg_label_comp_id 
_struct_sheet_range.beg_label_asym_id 
_struct_sheet_range.beg_label_seq_id 
_struct_sheet_range.pdbx_beg_PDB_ins_code 
_struct_sheet_range.end_label_comp_id 
_struct_sheet_range.end_label_asym_id 
_struct_sheet_range.end_label_seq_id 
_struct_sheet_range.pdbx_end_PDB_ins_code 
_struct_sheet_range.beg_auth_comp_id 
_struct_sheet_range.beg_auth_asym_id 
_struct_sheet_range.beg_auth_seq_id 
_struct_sheet_range.end_auth_comp_id 
_struct_sheet_range.end_auth_asym_id 
_struct_sheet_range.end_auth_seq_id 
A 1 VAL A 2  ? ARG A 3  ? VAL A 2  ARG A 3  
A 2 GLY A 37 ? CYS A 40 ? GLY A 37 CYS A 40 
A 3 TYR A 30 ? SER A 34 ? TYR A 30 SER A 34 
# 
loop_
_pdbx_struct_sheet_hbond.sheet_id 
_pdbx_struct_sheet_hbond.range_id_1 
_pdbx_struct_sheet_hbond.range_id_2 
_pdbx_struct_sheet_hbond.range_1_label_atom_id 
_pdbx_struct_sheet_hbond.range_1_label_comp_id 
_pdbx_struct_sheet_hbond.range_1_label_asym_id 
_pdbx_struct_sheet_hbond.range_1_label_seq_id 
_pdbx_struct_sheet_hbond.range_1_PDB_ins_code 
_pdbx_struct_sheet_hbond.range_1_auth_atom_id 
_pdbx_struct_sheet_hbond.range_1_auth_comp_id 
_pdbx_struct_sheet_hbond.range_1_auth_asym_id 
_pdbx_struct_sheet_hbond.range_1_auth_seq_id 
_pdbx_struct_sheet_hbond.range_2_label_atom_id 
_pdbx_struct_sheet_hbond.range_2_label_comp_id 
_pdbx_struct_sheet_hbond.range_2_label_asym_id 
_pdbx_struct_sheet_hbond.range_2_label_seq_id 
_pdbx_struct_sheet_hbond.range_2_PDB_ins_code 
_pdbx_struct_sheet_hbond.range_2_auth_atom_id 
_pdbx_struct_sheet_hbond.range_2_auth_comp_id 
_pdbx_struct_sheet_hbond.range_2_auth_asym_id 
_pdbx_struct_sheet_hbond.range_2_auth_seq_id 
A 1 2 N VAL A 2  ? N VAL A 2  O CYS A 40 ? O CYS A 40 
A 2 3 O TYR A 39 ? O TYR A 39 N TYR A 32 ? N TYR A 32 
# 
loop_
_pdbx_validate_close_contact.id 
_pdbx_validate_close_contact.PDB_model_num 
_pdbx_validate_close_contact.auth_atom_id_1 
_pdbx_validate_close_contact.auth_asym_id_1 
_pdbx_validate_close_contact.auth_comp_id_1 
_pdbx_validate_close_contact.auth_seq_id_1 
_pdbx_validate_close_contact.PDB_ins_code_1 
_pdbx_validate_close_contact.label_alt_id_1 
_pdbx_validate_close_contact.auth_atom_id_2 
_pdbx_validate_close_contact.auth_asym_id_2 
_pdbx_validate_close_contact.auth_comp_id_2 
_pdbx_validate_close_contact.auth_seq_id_2 
_pdbx_validate_close_contact.PDB_ins_code_2 
_pdbx_validate_close_contact.label_alt_id_2 
_pdbx_validate_close_contact.dist 
1 1 SG A CYS 22 ? ? SG A CYS 40 ? ? 2.02 
2 1 SG A CYS 11 ? ? SG A CYS 33 ? ? 2.02 
3 1 SG A CYS 7  ? ? SG A CYS 21 ? ? 2.02 
# 
loop_
_pdbx_validate_torsion.id 
_pdbx_validate_torsion.PDB_model_num 
_pdbx_validate_torsion.auth_comp_id 
_pdbx_validate_torsion.auth_asym_id 
_pdbx_validate_torsion.auth_seq_id 
_pdbx_validate_torsion.PDB_ins_code 
_pdbx_validate_torsion.label_alt_id 
_pdbx_validate_torsion.phi 
_pdbx_validate_torsion.psi 
1 1 ARG A 13 ? ? -71.36  -164.29 
2 1 ILE A 14 ? ? -71.20  -154.08 
3 1 ALA A 31 ? ? -105.83 -65.41  
# 
loop_
_pdbx_validate_planes.id 
_pdbx_validate_planes.PDB_model_num 
_pdbx_validate_planes.auth_comp_id 
_pdbx_validate_planes.auth_asym_id 
_pdbx_validate_planes.auth_seq_id 
_pdbx_validate_planes.PDB_ins_code 
_pdbx_validate_planes.label_alt_id 
_pdbx_validate_planes.rmsd 
_pdbx_validate_planes.type 
1 1 ARG A 3  ? ? 0.310 'SIDE CHAIN' 
2 1 ARG A 13 ? ? 0.316 'SIDE CHAIN' 
3 1 ARG A 18 ? ? 0.316 'SIDE CHAIN' 
4 1 ARG A 23 ? ? 0.318 'SIDE CHAIN' 
5 1 ARG A 27 ? ? 0.287 'SIDE CHAIN' 
# 
_pdbx_nmr_ensemble.entry_id                             2E2F 
_pdbx_nmr_ensemble.conformers_calculated_total_number   50 
_pdbx_nmr_ensemble.conformers_submitted_total_number    1 
_pdbx_nmr_ensemble.conformer_selection_criteria         'structures with the lowest energy' 
# 
_pdbx_nmr_representative.entry_id             2E2F 
_pdbx_nmr_representative.conformer_id         1 
_pdbx_nmr_representative.selection_criteria   'lowest energy' 
# 
loop_
_pdbx_nmr_sample_details.solution_id 
_pdbx_nmr_sample_details.contents 
_pdbx_nmr_sample_details.solvent_system 
_pdbx_nmr_sample_details.label 
_pdbx_nmr_sample_details.type 
_pdbx_nmr_sample_details.details 
1 '0.15mM DSP; 10mM phosphate buffer NA; 50mM NaCl; 95% H2O, 5% D2O' '95% H2O/5% D2O' ? ? ? 
2 '0.15mM DSP; 10mM phosphate buffer NA; 50mM NaCl; 100% D2O'        '100% D2O'       ? ? ? 
# 
_pdbx_nmr_exptl_sample_conditions.conditions_id          1 
_pdbx_nmr_exptl_sample_conditions.temperature            298 
_pdbx_nmr_exptl_sample_conditions.pressure               ambient 
_pdbx_nmr_exptl_sample_conditions.pH                     7.0 
_pdbx_nmr_exptl_sample_conditions.ionic_strength         ? 
_pdbx_nmr_exptl_sample_conditions.pressure_units         . 
_pdbx_nmr_exptl_sample_conditions.temperature_units      K 
_pdbx_nmr_exptl_sample_conditions.label                  ? 
_pdbx_nmr_exptl_sample_conditions.pH_units               ? 
_pdbx_nmr_exptl_sample_conditions.ionic_strength_units   ? 
# 
loop_
_pdbx_nmr_exptl.experiment_id 
_pdbx_nmr_exptl.conditions_id 
_pdbx_nmr_exptl.type 
_pdbx_nmr_exptl.solution_id 
1 1 DQF-COSY   1 
2 1 '2D TOCSY' 1 
3 1 '2D NOESY' 1 
4 1 '2D TOCSY' 2 
5 1 '2D NOESY' 2 
# 
_pdbx_nmr_refine.entry_id           2E2F 
_pdbx_nmr_refine.method             'simulated annealing' 
_pdbx_nmr_refine.details            ? 
_pdbx_nmr_refine.software_ordinal   1 
# 
loop_
_pdbx_nmr_software.classification 
_pdbx_nmr_software.name 
_pdbx_nmr_software.version 
_pdbx_nmr_software.authors 
_pdbx_nmr_software.ordinal 
refinement           X-PLOR  3.1F  ? 1 
'structure solution' NMRPipe 2.2   ? 2 
'structure solution' PIPP    4.3.2 ? 3 
'structure solution' NMRView 5.0.3 ? 4 
'structure solution' CYANA   2.1   ? 5 
'structure solution' X-PLOR  3.1F  ? 6 
# 
loop_
_chem_comp_atom.comp_id 
_chem_comp_atom.atom_id 
_chem_comp_atom.type_symbol 
_chem_comp_atom.pdbx_aromatic_flag 
_chem_comp_atom.pdbx_stereo_config 
_chem_comp_atom.pdbx_ordinal 
ALA N    N N N 1   
ALA CA   C N S 2   
ALA C    C N N 3   
ALA O    O N N 4   
ALA CB   C N N 5   
ALA OXT  O N N 6   
ALA H    H N N 7   
ALA H2   H N N 8   
ALA HA   H N N 9   
ALA HB1  H N N 10  
ALA HB2  H N N 11  
ALA HB3  H N N 12  
ALA HXT  H N N 13  
ARG N    N N N 14  
ARG CA   C N S 15  
ARG C    C N N 16  
ARG O    O N N 17  
ARG CB   C N N 18  
ARG CG   C N N 19  
ARG CD   C N N 20  
ARG NE   N N N 21  
ARG CZ   C N N 22  
ARG NH1  N N N 23  
ARG NH2  N N N 24  
ARG OXT  O N N 25  
ARG H    H N N 26  
ARG H2   H N N 27  
ARG HA   H N N 28  
ARG HB2  H N N 29  
ARG HB3  H N N 30  
ARG HG2  H N N 31  
ARG HG3  H N N 32  
ARG HD2  H N N 33  
ARG HD3  H N N 34  
ARG HE   H N N 35  
ARG HH11 H N N 36  
ARG HH12 H N N 37  
ARG HH21 H N N 38  
ARG HH22 H N N 39  
ARG HXT  H N N 40  
ASN N    N N N 41  
ASN CA   C N S 42  
ASN C    C N N 43  
ASN O    O N N 44  
ASN CB   C N N 45  
ASN CG   C N N 46  
ASN OD1  O N N 47  
ASN ND2  N N N 48  
ASN OXT  O N N 49  
ASN H    H N N 50  
ASN H2   H N N 51  
ASN HA   H N N 52  
ASN HB2  H N N 53  
ASN HB3  H N N 54  
ASN HD21 H N N 55  
ASN HD22 H N N 56  
ASN HXT  H N N 57  
ASP N    N N N 58  
ASP CA   C N S 59  
ASP C    C N N 60  
ASP O    O N N 61  
ASP CB   C N N 62  
ASP CG   C N N 63  
ASP OD1  O N N 64  
ASP OD2  O N N 65  
ASP OXT  O N N 66  
ASP H    H N N 67  
ASP H2   H N N 68  
ASP HA   H N N 69  
ASP HB2  H N N 70  
ASP HB3  H N N 71  
ASP HD2  H N N 72  
ASP HXT  H N N 73  
CYS N    N N N 74  
CYS CA   C N R 75  
CYS C    C N N 76  
CYS O    O N N 77  
CYS CB   C N N 78  
CYS SG   S N N 79  
CYS OXT  O N N 80  
CYS H    H N N 81  
CYS H2   H N N 82  
CYS HA   H N N 83  
CYS HB2  H N N 84  
CYS HB3  H N N 85  
CYS HG   H N N 86  
CYS HXT  H N N 87  
GLN N    N N N 88  
GLN CA   C N S 89  
GLN C    C N N 90  
GLN O    O N N 91  
GLN CB   C N N 92  
GLN CG   C N N 93  
GLN CD   C N N 94  
GLN OE1  O N N 95  
GLN NE2  N N N 96  
GLN OXT  O N N 97  
GLN H    H N N 98  
GLN H2   H N N 99  
GLN HA   H N N 100 
GLN HB2  H N N 101 
GLN HB3  H N N 102 
GLN HG2  H N N 103 
GLN HG3  H N N 104 
GLN HE21 H N N 105 
GLN HE22 H N N 106 
GLN HXT  H N N 107 
GLU N    N N N 108 
GLU CA   C N S 109 
GLU C    C N N 110 
GLU O    O N N 111 
GLU CB   C N N 112 
GLU CG   C N N 113 
GLU CD   C N N 114 
GLU OE1  O N N 115 
GLU OE2  O N N 116 
GLU OXT  O N N 117 
GLU H    H N N 118 
GLU H2   H N N 119 
GLU HA   H N N 120 
GLU HB2  H N N 121 
GLU HB3  H N N 122 
GLU HG2  H N N 123 
GLU HG3  H N N 124 
GLU HE2  H N N 125 
GLU HXT  H N N 126 
GLY N    N N N 127 
GLY CA   C N N 128 
GLY C    C N N 129 
GLY O    O N N 130 
GLY OXT  O N N 131 
GLY H    H N N 132 
GLY H2   H N N 133 
GLY HA2  H N N 134 
GLY HA3  H N N 135 
GLY HXT  H N N 136 
HIS N    N N N 137 
HIS CA   C N S 138 
HIS C    C N N 139 
HIS O    O N N 140 
HIS CB   C N N 141 
HIS CG   C Y N 142 
HIS ND1  N Y N 143 
HIS CD2  C Y N 144 
HIS CE1  C Y N 145 
HIS NE2  N Y N 146 
HIS OXT  O N N 147 
HIS H    H N N 148 
HIS H2   H N N 149 
HIS HA   H N N 150 
HIS HB2  H N N 151 
HIS HB3  H N N 152 
HIS HD1  H N N 153 
HIS HD2  H N N 154 
HIS HE1  H N N 155 
HIS HE2  H N N 156 
HIS HXT  H N N 157 
ILE N    N N N 158 
ILE CA   C N S 159 
ILE C    C N N 160 
ILE O    O N N 161 
ILE CB   C N S 162 
ILE CG1  C N N 163 
ILE CG2  C N N 164 
ILE CD1  C N N 165 
ILE OXT  O N N 166 
ILE H    H N N 167 
ILE H2   H N N 168 
ILE HA   H N N 169 
ILE HB   H N N 170 
ILE HG12 H N N 171 
ILE HG13 H N N 172 
ILE HG21 H N N 173 
ILE HG22 H N N 174 
ILE HG23 H N N 175 
ILE HD11 H N N 176 
ILE HD12 H N N 177 
ILE HD13 H N N 178 
ILE HXT  H N N 179 
MET N    N N N 180 
MET CA   C N S 181 
MET C    C N N 182 
MET O    O N N 183 
MET CB   C N N 184 
MET CG   C N N 185 
MET SD   S N N 186 
MET CE   C N N 187 
MET OXT  O N N 188 
MET H    H N N 189 
MET H2   H N N 190 
MET HA   H N N 191 
MET HB2  H N N 192 
MET HB3  H N N 193 
MET HG2  H N N 194 
MET HG3  H N N 195 
MET HE1  H N N 196 
MET HE2  H N N 197 
MET HE3  H N N 198 
MET HXT  H N N 199 
PRO N    N N N 200 
PRO CA   C N S 201 
PRO C    C N N 202 
PRO O    O N N 203 
PRO CB   C N N 204 
PRO CG   C N N 205 
PRO CD   C N N 206 
PRO OXT  O N N 207 
PRO H    H N N 208 
PRO HA   H N N 209 
PRO HB2  H N N 210 
PRO HB3  H N N 211 
PRO HG2  H N N 212 
PRO HG3  H N N 213 
PRO HD2  H N N 214 
PRO HD3  H N N 215 
PRO HXT  H N N 216 
SER N    N N N 217 
SER CA   C N S 218 
SER C    C N N 219 
SER O    O N N 220 
SER CB   C N N 221 
SER OG   O N N 222 
SER OXT  O N N 223 
SER H    H N N 224 
SER H2   H N N 225 
SER HA   H N N 226 
SER HB2  H N N 227 
SER HB3  H N N 228 
SER HG   H N N 229 
SER HXT  H N N 230 
TYR N    N N N 231 
TYR CA   C N S 232 
TYR C    C N N 233 
TYR O    O N N 234 
TYR CB   C N N 235 
TYR CG   C Y N 236 
TYR CD1  C Y N 237 
TYR CD2  C Y N 238 
TYR CE1  C Y N 239 
TYR CE2  C Y N 240 
TYR CZ   C Y N 241 
TYR OH   O N N 242 
TYR OXT  O N N 243 
TYR H    H N N 244 
TYR H2   H N N 245 
TYR HA   H N N 246 
TYR HB2  H N N 247 
TYR HB3  H N N 248 
TYR HD1  H N N 249 
TYR HD2  H N N 250 
TYR HE1  H N N 251 
TYR HE2  H N N 252 
TYR HH   H N N 253 
TYR HXT  H N N 254 
VAL N    N N N 255 
VAL CA   C N S 256 
VAL C    C N N 257 
VAL O    O N N 258 
VAL CB   C N N 259 
VAL CG1  C N N 260 
VAL CG2  C N N 261 
VAL OXT  O N N 262 
VAL H    H N N 263 
VAL H2   H N N 264 
VAL HA   H N N 265 
VAL HB   H N N 266 
VAL HG11 H N N 267 
VAL HG12 H N N 268 
VAL HG13 H N N 269 
VAL HG21 H N N 270 
VAL HG22 H N N 271 
VAL HG23 H N N 272 
VAL HXT  H N N 273 
# 
loop_
_chem_comp_bond.comp_id 
_chem_comp_bond.atom_id_1 
_chem_comp_bond.atom_id_2 
_chem_comp_bond.value_order 
_chem_comp_bond.pdbx_aromatic_flag 
_chem_comp_bond.pdbx_stereo_config 
_chem_comp_bond.pdbx_ordinal 
ALA N   CA   sing N N 1   
ALA N   H    sing N N 2   
ALA N   H2   sing N N 3   
ALA CA  C    sing N N 4   
ALA CA  CB   sing N N 5   
ALA CA  HA   sing N N 6   
ALA C   O    doub N N 7   
ALA C   OXT  sing N N 8   
ALA CB  HB1  sing N N 9   
ALA CB  HB2  sing N N 10  
ALA CB  HB3  sing N N 11  
ALA OXT HXT  sing N N 12  
ARG N   CA   sing N N 13  
ARG N   H    sing N N 14  
ARG N   H2   sing N N 15  
ARG CA  C    sing N N 16  
ARG CA  CB   sing N N 17  
ARG CA  HA   sing N N 18  
ARG C   O    doub N N 19  
ARG C   OXT  sing N N 20  
ARG CB  CG   sing N N 21  
ARG CB  HB2  sing N N 22  
ARG CB  HB3  sing N N 23  
ARG CG  CD   sing N N 24  
ARG CG  HG2  sing N N 25  
ARG CG  HG3  sing N N 26  
ARG CD  NE   sing N N 27  
ARG CD  HD2  sing N N 28  
ARG CD  HD3  sing N N 29  
ARG NE  CZ   sing N N 30  
ARG NE  HE   sing N N 31  
ARG CZ  NH1  sing N N 32  
ARG CZ  NH2  doub N N 33  
ARG NH1 HH11 sing N N 34  
ARG NH1 HH12 sing N N 35  
ARG NH2 HH21 sing N N 36  
ARG NH2 HH22 sing N N 37  
ARG OXT HXT  sing N N 38  
ASN N   CA   sing N N 39  
ASN N   H    sing N N 40  
ASN N   H2   sing N N 41  
ASN CA  C    sing N N 42  
ASN CA  CB   sing N N 43  
ASN CA  HA   sing N N 44  
ASN C   O    doub N N 45  
ASN C   OXT  sing N N 46  
ASN CB  CG   sing N N 47  
ASN CB  HB2  sing N N 48  
ASN CB  HB3  sing N N 49  
ASN CG  OD1  doub N N 50  
ASN CG  ND2  sing N N 51  
ASN ND2 HD21 sing N N 52  
ASN ND2 HD22 sing N N 53  
ASN OXT HXT  sing N N 54  
ASP N   CA   sing N N 55  
ASP N   H    sing N N 56  
ASP N   H2   sing N N 57  
ASP CA  C    sing N N 58  
ASP CA  CB   sing N N 59  
ASP CA  HA   sing N N 60  
ASP C   O    doub N N 61  
ASP C   OXT  sing N N 62  
ASP CB  CG   sing N N 63  
ASP CB  HB2  sing N N 64  
ASP CB  HB3  sing N N 65  
ASP CG  OD1  doub N N 66  
ASP CG  OD2  sing N N 67  
ASP OD2 HD2  sing N N 68  
ASP OXT HXT  sing N N 69  
CYS N   CA   sing N N 70  
CYS N   H    sing N N 71  
CYS N   H2   sing N N 72  
CYS CA  C    sing N N 73  
CYS CA  CB   sing N N 74  
CYS CA  HA   sing N N 75  
CYS C   O    doub N N 76  
CYS C   OXT  sing N N 77  
CYS CB  SG   sing N N 78  
CYS CB  HB2  sing N N 79  
CYS CB  HB3  sing N N 80  
CYS SG  HG   sing N N 81  
CYS OXT HXT  sing N N 82  
GLN N   CA   sing N N 83  
GLN N   H    sing N N 84  
GLN N   H2   sing N N 85  
GLN CA  C    sing N N 86  
GLN CA  CB   sing N N 87  
GLN CA  HA   sing N N 88  
GLN C   O    doub N N 89  
GLN C   OXT  sing N N 90  
GLN CB  CG   sing N N 91  
GLN CB  HB2  sing N N 92  
GLN CB  HB3  sing N N 93  
GLN CG  CD   sing N N 94  
GLN CG  HG2  sing N N 95  
GLN CG  HG3  sing N N 96  
GLN CD  OE1  doub N N 97  
GLN CD  NE2  sing N N 98  
GLN NE2 HE21 sing N N 99  
GLN NE2 HE22 sing N N 100 
GLN OXT HXT  sing N N 101 
GLU N   CA   sing N N 102 
GLU N   H    sing N N 103 
GLU N   H2   sing N N 104 
GLU CA  C    sing N N 105 
GLU CA  CB   sing N N 106 
GLU CA  HA   sing N N 107 
GLU C   O    doub N N 108 
GLU C   OXT  sing N N 109 
GLU CB  CG   sing N N 110 
GLU CB  HB2  sing N N 111 
GLU CB  HB3  sing N N 112 
GLU CG  CD   sing N N 113 
GLU CG  HG2  sing N N 114 
GLU CG  HG3  sing N N 115 
GLU CD  OE1  doub N N 116 
GLU CD  OE2  sing N N 117 
GLU OE2 HE2  sing N N 118 
GLU OXT HXT  sing N N 119 
GLY N   CA   sing N N 120 
GLY N   H    sing N N 121 
GLY N   H2   sing N N 122 
GLY CA  C    sing N N 123 
GLY CA  HA2  sing N N 124 
GLY CA  HA3  sing N N 125 
GLY C   O    doub N N 126 
GLY C   OXT  sing N N 127 
GLY OXT HXT  sing N N 128 
HIS N   CA   sing N N 129 
HIS N   H    sing N N 130 
HIS N   H2   sing N N 131 
HIS CA  C    sing N N 132 
HIS CA  CB   sing N N 133 
HIS CA  HA   sing N N 134 
HIS C   O    doub N N 135 
HIS C   OXT  sing N N 136 
HIS CB  CG   sing N N 137 
HIS CB  HB2  sing N N 138 
HIS CB  HB3  sing N N 139 
HIS CG  ND1  sing Y N 140 
HIS CG  CD2  doub Y N 141 
HIS ND1 CE1  doub Y N 142 
HIS ND1 HD1  sing N N 143 
HIS CD2 NE2  sing Y N 144 
HIS CD2 HD2  sing N N 145 
HIS CE1 NE2  sing Y N 146 
HIS CE1 HE1  sing N N 147 
HIS NE2 HE2  sing N N 148 
HIS OXT HXT  sing N N 149 
ILE N   CA   sing N N 150 
ILE N   H    sing N N 151 
ILE N   H2   sing N N 152 
ILE CA  C    sing N N 153 
ILE CA  CB   sing N N 154 
ILE CA  HA   sing N N 155 
ILE C   O    doub N N 156 
ILE C   OXT  sing N N 157 
ILE CB  CG1  sing N N 158 
ILE CB  CG2  sing N N 159 
ILE CB  HB   sing N N 160 
ILE CG1 CD1  sing N N 161 
ILE CG1 HG12 sing N N 162 
ILE CG1 HG13 sing N N 163 
ILE CG2 HG21 sing N N 164 
ILE CG2 HG22 sing N N 165 
ILE CG2 HG23 sing N N 166 
ILE CD1 HD11 sing N N 167 
ILE CD1 HD12 sing N N 168 
ILE CD1 HD13 sing N N 169 
ILE OXT HXT  sing N N 170 
MET N   CA   sing N N 171 
MET N   H    sing N N 172 
MET N   H2   sing N N 173 
MET CA  C    sing N N 174 
MET CA  CB   sing N N 175 
MET CA  HA   sing N N 176 
MET C   O    doub N N 177 
MET C   OXT  sing N N 178 
MET CB  CG   sing N N 179 
MET CB  HB2  sing N N 180 
MET CB  HB3  sing N N 181 
MET CG  SD   sing N N 182 
MET CG  HG2  sing N N 183 
MET CG  HG3  sing N N 184 
MET SD  CE   sing N N 185 
MET CE  HE1  sing N N 186 
MET CE  HE2  sing N N 187 
MET CE  HE3  sing N N 188 
MET OXT HXT  sing N N 189 
PRO N   CA   sing N N 190 
PRO N   CD   sing N N 191 
PRO N   H    sing N N 192 
PRO CA  C    sing N N 193 
PRO CA  CB   sing N N 194 
PRO CA  HA   sing N N 195 
PRO C   O    doub N N 196 
PRO C   OXT  sing N N 197 
PRO CB  CG   sing N N 198 
PRO CB  HB2  sing N N 199 
PRO CB  HB3  sing N N 200 
PRO CG  CD   sing N N 201 
PRO CG  HG2  sing N N 202 
PRO CG  HG3  sing N N 203 
PRO CD  HD2  sing N N 204 
PRO CD  HD3  sing N N 205 
PRO OXT HXT  sing N N 206 
SER N   CA   sing N N 207 
SER N   H    sing N N 208 
SER N   H2   sing N N 209 
SER CA  C    sing N N 210 
SER CA  CB   sing N N 211 
SER CA  HA   sing N N 212 
SER C   O    doub N N 213 
SER C   OXT  sing N N 214 
SER CB  OG   sing N N 215 
SER CB  HB2  sing N N 216 
SER CB  HB3  sing N N 217 
SER OG  HG   sing N N 218 
SER OXT HXT  sing N N 219 
TYR N   CA   sing N N 220 
TYR N   H    sing N N 221 
TYR N   H2   sing N N 222 
TYR CA  C    sing N N 223 
TYR CA  CB   sing N N 224 
TYR CA  HA   sing N N 225 
TYR C   O    doub N N 226 
TYR C   OXT  sing N N 227 
TYR CB  CG   sing N N 228 
TYR CB  HB2  sing N N 229 
TYR CB  HB3  sing N N 230 
TYR CG  CD1  doub Y N 231 
TYR CG  CD2  sing Y N 232 
TYR CD1 CE1  sing Y N 233 
TYR CD1 HD1  sing N N 234 
TYR CD2 CE2  doub Y N 235 
TYR CD2 HD2  sing N N 236 
TYR CE1 CZ   doub Y N 237 
TYR CE1 HE1  sing N N 238 
TYR CE2 CZ   sing Y N 239 
TYR CE2 HE2  sing N N 240 
TYR CZ  OH   sing N N 241 
TYR OH  HH   sing N N 242 
TYR OXT HXT  sing N N 243 
VAL N   CA   sing N N 244 
VAL N   H    sing N N 245 
VAL N   H2   sing N N 246 
VAL CA  C    sing N N 247 
VAL CA  CB   sing N N 248 
VAL CA  HA   sing N N 249 
VAL C   O    doub N N 250 
VAL C   OXT  sing N N 251 
VAL CB  CG1  sing N N 252 
VAL CB  CG2  sing N N 253 
VAL CB  HB   sing N N 254 
VAL CG1 HG11 sing N N 255 
VAL CG1 HG12 sing N N 256 
VAL CG1 HG13 sing N N 257 
VAL CG2 HG21 sing N N 258 
VAL CG2 HG22 sing N N 259 
VAL CG2 HG23 sing N N 260 
VAL OXT HXT  sing N N 261 
# 
_pdbx_nmr_spectrometer.spectrometer_id   1 
_pdbx_nmr_spectrometer.model             AVANCE 
_pdbx_nmr_spectrometer.manufacturer      Bruker 
_pdbx_nmr_spectrometer.field_strength    800 
_pdbx_nmr_spectrometer.type              ? 
# 
_atom_sites.entry_id                    2E2F 
_atom_sites.fract_transf_matrix[1][1]   1.000000 
_atom_sites.fract_transf_matrix[1][2]   0.000000 
_atom_sites.fract_transf_matrix[1][3]   0.000000 
_atom_sites.fract_transf_matrix[2][1]   0.000000 
_atom_sites.fract_transf_matrix[2][2]   1.000000 
_atom_sites.fract_transf_matrix[2][3]   0.000000 
_atom_sites.fract_transf_matrix[3][1]   0.000000 
_atom_sites.fract_transf_matrix[3][2]   0.000000 
_atom_sites.fract_transf_matrix[3][3]   1.000000 
_atom_sites.fract_transf_vector[1]      0.00000 
_atom_sites.fract_transf_vector[2]      0.00000 
_atom_sites.fract_transf_vector[3]      0.00000 
# 
loop_
_atom_type.symbol 
C 
H 
N 
O 
S 
# 
loop_
_atom_site.group_PDB 
_atom_site.id 
_atom_site.type_symbol 
_atom_site.label_atom_id 
_atom_site.label_alt_id 
_atom_site.label_comp_id 
_atom_site.label_asym_id 
_atom_site.label_entity_id 
_atom_site.label_seq_id 
_atom_site.pdbx_PDB_ins_code 
_atom_site.Cartn_x 
_atom_site.Cartn_y 
_atom_site.Cartn_z 
_atom_site.occupancy 
_atom_site.B_iso_or_equiv 
_atom_site.pdbx_formal_charge 
_atom_site.auth_seq_id 
_atom_site.auth_comp_id 
_atom_site.auth_asym_id 
_atom_site.auth_atom_id 
_atom_site.pdbx_PDB_model_num 
ATOM 1   N N    . ALA A 1 1  ? -3.867  9.839   4.659  1.00 1.49 ? 1  ALA A N    1 
ATOM 2   C CA   . ALA A 1 1  ? -3.151  8.870   3.775  1.00 0.72 ? 1  ALA A CA   1 
ATOM 3   C C    . ALA A 1 1  ? -1.639  8.930   4.034  1.00 0.59 ? 1  ALA A C    1 
ATOM 4   O O    . ALA A 1 1  ? -1.044  9.993   4.036  1.00 0.71 ? 1  ALA A O    1 
ATOM 5   C CB   . ALA A 1 1  ? -3.469  9.314   2.345  1.00 1.53 ? 1  ALA A CB   1 
ATOM 6   H H1   . ALA A 1 1  ? -3.689  9.598   5.654  1.00 1.99 ? 1  ALA A H1   1 
ATOM 7   H H2   . ALA A 1 1  ? -4.890  9.792   4.468  1.00 2.09 ? 1  ALA A H2   1 
ATOM 8   H H3   . ALA A 1 1  ? -3.524  10.803  4.472  1.00 1.97 ? 1  ALA A H3   1 
ATOM 9   H HA   . ALA A 1 1  ? -3.520  7.870   3.940  1.00 1.26 ? 1  ALA A HA   1 
ATOM 10  H HB1  . ALA A 1 1  ? -4.534  9.248   2.176  1.00 2.03 ? 1  ALA A HB1  1 
ATOM 11  H HB2  . ALA A 1 1  ? -2.953  8.672   1.645  1.00 2.10 ? 1  ALA A HB2  1 
ATOM 12  H HB3  . ALA A 1 1  ? -3.146  10.334  2.203  1.00 2.10 ? 1  ALA A HB3  1 
ATOM 13  N N    . VAL A 1 2  ? -1.018  7.795   4.251  1.00 0.45 ? 2  VAL A N    1 
ATOM 14  C CA   . VAL A 1 2  ? 0.459   7.773   4.513  1.00 0.37 ? 2  VAL A CA   1 
ATOM 15  C C    . VAL A 1 2  ? 1.131   6.658   3.700  1.00 0.28 ? 2  VAL A C    1 
ATOM 16  O O    . VAL A 1 2  ? 0.496   5.983   2.914  1.00 0.37 ? 2  VAL A O    1 
ATOM 17  C CB   . VAL A 1 2  ? 0.615   7.510   6.019  1.00 0.46 ? 2  VAL A CB   1 
ATOM 18  C CG1  . VAL A 1 2  ? 0.124   8.727   6.806  1.00 0.59 ? 2  VAL A CG1  1 
ATOM 19  C CG2  . VAL A 1 2  ? -0.196  6.274   6.432  1.00 0.52 ? 2  VAL A CG2  1 
ATOM 20  H H    . VAL A 1 2  ? -1.523  6.953   4.243  1.00 0.50 ? 2  VAL A H    1 
ATOM 21  H HA   . VAL A 1 2  ? 0.896   8.728   4.262  1.00 0.43 ? 2  VAL A HA   1 
ATOM 22  H HB   . VAL A 1 2  ? 1.660   7.344   6.244  1.00 0.52 ? 2  VAL A HB   1 
ATOM 23  H HG11 . VAL A 1 2  ? 0.582   9.621   6.408  1.00 1.10 ? 2  VAL A HG11 1 
ATOM 24  H HG12 . VAL A 1 2  ? 0.393   8.616   7.845  1.00 1.35 ? 2  VAL A HG12 1 
ATOM 25  H HG13 . VAL A 1 2  ? -0.950  8.803   6.717  1.00 1.11 ? 2  VAL A HG13 1 
ATOM 26  H HG21 . VAL A 1 2  ? -0.031  5.479   5.719  1.00 1.10 ? 2  VAL A HG21 1 
ATOM 27  H HG22 . VAL A 1 2  ? -1.247  6.524   6.455  1.00 1.19 ? 2  VAL A HG22 1 
ATOM 28  H HG23 . VAL A 1 2  ? 0.117   5.949   7.413  1.00 1.18 ? 2  VAL A HG23 1 
ATOM 29  N N    . ARG A 1 3  ? 2.413   6.465   3.889  1.00 0.31 ? 3  ARG A N    1 
ATOM 30  C CA   . ARG A 1 3  ? 3.137   5.397   3.133  1.00 0.32 ? 3  ARG A CA   1 
ATOM 31  C C    . ARG A 1 3  ? 3.455   4.210   4.052  1.00 0.31 ? 3  ARG A C    1 
ATOM 32  O O    . ARG A 1 3  ? 3.752   4.377   5.221  1.00 0.46 ? 3  ARG A O    1 
ATOM 33  C CB   . ARG A 1 3  ? 4.426   6.061   2.640  1.00 0.45 ? 3  ARG A CB   1 
ATOM 34  C CG   . ARG A 1 3  ? 5.308   5.028   1.927  1.00 0.98 ? 3  ARG A CG   1 
ATOM 35  C CD   . ARG A 1 3  ? 5.646   5.520   0.517  1.00 0.77 ? 3  ARG A CD   1 
ATOM 36  N NE   . ARG A 1 3  ? 6.720   6.538   0.705  1.00 1.08 ? 3  ARG A NE   1 
ATOM 37  C CZ   . ARG A 1 3  ? 7.934   6.290   0.292  1.00 1.25 ? 3  ARG A CZ   1 
ATOM 38  N NH1  . ARG A 1 3  ? 8.369   6.830   -0.818 1.00 1.81 ? 3  ARG A NH1  1 
ATOM 39  N NH2  . ARG A 1 3  ? 8.715   5.503   0.987  1.00 1.99 ? 3  ARG A NH2  1 
ATOM 40  H H    . ARG A 1 3  ? 2.901   7.025   4.532  1.00 0.45 ? 3  ARG A H    1 
ATOM 41  H HA   . ARG A 1 3  ? 2.549   5.070   2.290  1.00 0.32 ? 3  ARG A HA   1 
ATOM 42  H HB2  . ARG A 1 3  ? 4.179   6.858   1.953  1.00 0.80 ? 3  ARG A HB2  1 
ATOM 43  H HB3  . ARG A 1 3  ? 4.966   6.471   3.481  1.00 0.71 ? 3  ARG A HB3  1 
ATOM 44  H HG2  . ARG A 1 3  ? 6.221   4.887   2.487  1.00 1.65 ? 3  ARG A HG2  1 
ATOM 45  H HG3  . ARG A 1 3  ? 4.780   4.088   1.858  1.00 1.60 ? 3  ARG A HG3  1 
ATOM 46  H HD2  . ARG A 1 3  ? 6.003   4.698   -0.089 1.00 1.09 ? 3  ARG A HD2  1 
ATOM 47  H HD3  . ARG A 1 3  ? 4.781   5.975   0.060  1.00 0.97 ? 3  ARG A HD3  1 
ATOM 48  H HE   . ARG A 1 3  ? 6.514   7.392   1.140  1.00 1.72 ? 3  ARG A HE   1 
ATOM 49  H HH11 . ARG A 1 3  ? 7.772   7.433   -1.350 1.00 2.27 ? 3  ARG A HH11 1 
ATOM 50  H HH12 . ARG A 1 3  ? 9.299   6.643   -1.136 1.00 2.27 ? 3  ARG A HH12 1 
ATOM 51  H HH21 . ARG A 1 3  ? 8.381   5.089   1.835  1.00 2.48 ? 3  ARG A HH21 1 
ATOM 52  H HH22 . ARG A 1 3  ? 9.645   5.312   0.671  1.00 2.47 ? 3  ARG A HH22 1 
ATOM 53  N N    . ILE A 1 4  ? 3.404   3.012   3.520  1.00 0.24 ? 4  ILE A N    1 
ATOM 54  C CA   . ILE A 1 4  ? 3.712   1.800   4.341  1.00 0.25 ? 4  ILE A CA   1 
ATOM 55  C C    . ILE A 1 4  ? 5.088   1.235   3.939  1.00 0.33 ? 4  ILE A C    1 
ATOM 56  O O    . ILE A 1 4  ? 5.655   1.618   2.931  1.00 0.95 ? 4  ILE A O    1 
ATOM 57  C CB   . ILE A 1 4  ? 2.577   0.813   4.024  1.00 0.25 ? 4  ILE A CB   1 
ATOM 58  C CG1  . ILE A 1 4  ? 1.279   1.281   4.699  1.00 0.37 ? 4  ILE A CG1  1 
ATOM 59  C CG2  . ILE A 1 4  ? 2.930   -0.592  4.523  1.00 0.26 ? 4  ILE A CG2  1 
ATOM 60  C CD1  . ILE A 1 4  ? 1.452   1.297   6.219  1.00 0.45 ? 4  ILE A CD1  1 
ATOM 61  H H    . ILE A 1 4  ? 3.170   2.910   2.573  1.00 0.30 ? 4  ILE A H    1 
ATOM 62  H HA   . ILE A 1 4  ? 3.703   2.046   5.391  1.00 0.32 ? 4  ILE A HA   1 
ATOM 63  H HB   . ILE A 1 4  ? 2.428   0.783   2.957  1.00 0.29 ? 4  ILE A HB   1 
ATOM 64  H HG12 . ILE A 1 4  ? 1.035   2.275   4.356  1.00 0.39 ? 4  ILE A HG12 1 
ATOM 65  H HG13 . ILE A 1 4  ? 0.479   0.605   4.439  1.00 0.45 ? 4  ILE A HG13 1 
ATOM 66  H HG21 . ILE A 1 4  ? 2.054   -1.221  4.479  1.00 1.01 ? 4  ILE A HG21 1 
ATOM 67  H HG22 . ILE A 1 4  ? 3.281   -0.535  5.542  1.00 1.03 ? 4  ILE A HG22 1 
ATOM 68  H HG23 . ILE A 1 4  ? 3.705   -1.012  3.898  1.00 1.02 ? 4  ILE A HG23 1 
ATOM 69  H HD11 . ILE A 1 4  ? 2.274   0.654   6.498  1.00 1.19 ? 4  ILE A HD11 1 
ATOM 70  H HD12 . ILE A 1 4  ? 0.545   0.942   6.687  1.00 1.08 ? 4  ILE A HD12 1 
ATOM 71  H HD13 . ILE A 1 4  ? 1.656   2.305   6.547  1.00 1.09 ? 4  ILE A HD13 1 
ATOM 72  N N    . GLY A 1 5  ? 5.633   0.346   4.737  1.00 0.52 ? 5  GLY A N    1 
ATOM 73  C CA   . GLY A 1 5  ? 6.978   -0.237  4.441  1.00 0.48 ? 5  GLY A CA   1 
ATOM 74  C C    . GLY A 1 5  ? 6.990   -1.007  3.109  1.00 0.38 ? 5  GLY A C    1 
ATOM 75  O O    . GLY A 1 5  ? 7.506   -0.513  2.123  1.00 0.38 ? 5  GLY A O    1 
ATOM 76  H H    . GLY A 1 5  ? 5.160   0.072   5.551  1.00 1.04 ? 5  GLY A H    1 
ATOM 77  H HA2  . GLY A 1 5  ? 7.704   0.562   4.392  1.00 0.54 ? 5  GLY A HA2  1 
ATOM 78  H HA3  . GLY A 1 5  ? 7.252   -0.912  5.238  1.00 0.50 ? 5  GLY A HA3  1 
ATOM 79  N N    . PRO A 1 6  ? 6.461   -2.214  3.128  1.00 0.33 ? 6  PRO A N    1 
ATOM 80  C CA   . PRO A 1 6  ? 6.462   -3.076  1.909  1.00 0.26 ? 6  PRO A CA   1 
ATOM 81  C C    . PRO A 1 6  ? 5.426   -2.620  0.873  1.00 0.25 ? 6  PRO A C    1 
ATOM 82  O O    . PRO A 1 6  ? 5.433   -3.101  -0.238 1.00 0.27 ? 6  PRO A O    1 
ATOM 83  C CB   . PRO A 1 6  ? 6.056   -4.442  2.437  1.00 0.27 ? 6  PRO A CB   1 
ATOM 84  C CG   . PRO A 1 6  ? 5.245   -4.141  3.646  1.00 0.31 ? 6  PRO A CG   1 
ATOM 85  C CD   . PRO A 1 6  ? 5.820   -2.890  4.261  1.00 0.36 ? 6  PRO A CD   1 
ATOM 86  H HA   . PRO A 1 6  ? 7.447   -3.130  1.474  1.00 0.27 ? 6  PRO A HA   1 
ATOM 87  H HB2  . PRO A 1 6  ? 5.459   -4.966  1.704  1.00 0.25 ? 6  PRO A HB2  1 
ATOM 88  H HB3  . PRO A 1 6  ? 6.924   -5.021  2.707  1.00 0.29 ? 6  PRO A HB3  1 
ATOM 89  H HG2  . PRO A 1 6  ? 4.222   -3.968  3.337  1.00 0.30 ? 6  PRO A HG2  1 
ATOM 90  H HG3  . PRO A 1 6  ? 5.297   -4.958  4.347  1.00 0.36 ? 6  PRO A HG3  1 
ATOM 91  H HD2  . PRO A 1 6  ? 5.031   -2.278  4.678  1.00 0.40 ? 6  PRO A HD2  1 
ATOM 92  H HD3  . PRO A 1 6  ? 6.552   -3.135  5.013  1.00 0.42 ? 6  PRO A HD3  1 
ATOM 93  N N    . CYS A 1 7  ? 4.521   -1.729  1.223  1.00 0.27 ? 7  CYS A N    1 
ATOM 94  C CA   . CYS A 1 7  ? 3.485   -1.290  0.231  1.00 0.27 ? 7  CYS A CA   1 
ATOM 95  C C    . CYS A 1 7  ? 4.151   -0.857  -1.078 1.00 0.29 ? 7  CYS A C    1 
ATOM 96  O O    . CYS A 1 7  ? 3.673   -1.174  -2.148 1.00 0.34 ? 7  CYS A O    1 
ATOM 97  C CB   . CYS A 1 7  ? 2.743   -0.133  0.889  1.00 0.31 ? 7  CYS A CB   1 
ATOM 98  S SG   . CYS A 1 7  ? 1.240   -0.782  1.667  1.00 0.32 ? 7  CYS A SG   1 
ATOM 99  H H    . CYS A 1 7  ? 4.514   -1.367  2.132  1.00 0.32 ? 7  CYS A H    1 
ATOM 100 H HA   . CYS A 1 7  ? 2.794   -2.097  0.043  1.00 0.25 ? 7  CYS A HA   1 
ATOM 101 H HB2  . CYS A 1 7  ? 3.375   0.323   1.636  1.00 0.36 ? 7  CYS A HB2  1 
ATOM 102 H HB3  . CYS A 1 7  ? 2.475   0.598   0.143  1.00 0.34 ? 7  CYS A HB3  1 
ATOM 103 N N    . ASP A 1 8  ? 5.272   -0.175  -1.005 1.00 0.30 ? 8  ASP A N    1 
ATOM 104 C CA   . ASP A 1 8  ? 5.984   0.227   -2.258 1.00 0.36 ? 8  ASP A CA   1 
ATOM 105 C C    . ASP A 1 8  ? 6.409   -1.041  -3.016 1.00 0.35 ? 8  ASP A C    1 
ATOM 106 O O    . ASP A 1 8  ? 6.343   -1.101  -4.230 1.00 0.38 ? 8  ASP A O    1 
ATOM 107 C CB   . ASP A 1 8  ? 7.211   1.026   -1.795 1.00 0.43 ? 8  ASP A CB   1 
ATOM 108 C CG   . ASP A 1 8  ? 8.165   1.251   -2.976 1.00 0.93 ? 8  ASP A CG   1 
ATOM 109 O OD1  . ASP A 1 8  ? 7.810   2.006   -3.868 1.00 1.71 ? 8  ASP A OD1  1 
ATOM 110 O OD2  . ASP A 1 8  ? 9.233   0.661   -2.969 1.00 1.59 ? 8  ASP A OD2  1 
ATOM 111 H H    . ASP A 1 8  ? 5.656   0.044   -0.128 1.00 0.32 ? 8  ASP A H    1 
ATOM 112 H HA   . ASP A 1 8  ? 5.348   0.843   -2.876 1.00 0.38 ? 8  ASP A HA   1 
ATOM 113 H HB2  . ASP A 1 8  ? 6.890   1.981   -1.406 1.00 0.82 ? 8  ASP A HB2  1 
ATOM 114 H HB3  . ASP A 1 8  ? 7.725   0.478   -1.021 1.00 0.89 ? 8  ASP A HB3  1 
ATOM 115 N N    . GLN A 1 9  ? 6.823   -2.059  -2.294 1.00 0.35 ? 9  GLN A N    1 
ATOM 116 C CA   . GLN A 1 9  ? 7.233   -3.343  -2.938 1.00 0.38 ? 9  GLN A CA   1 
ATOM 117 C C    . GLN A 1 9  ? 5.991   -4.123  -3.399 1.00 0.33 ? 9  GLN A C    1 
ATOM 118 O O    . GLN A 1 9  ? 5.966   -4.654  -4.492 1.00 0.38 ? 9  GLN A O    1 
ATOM 119 C CB   . GLN A 1 9  ? 7.984   -4.119  -1.850 1.00 0.41 ? 9  GLN A CB   1 
ATOM 120 C CG   . GLN A 1 9  ? 8.996   -5.069  -2.495 1.00 0.98 ? 9  GLN A CG   1 
ATOM 121 C CD   . GLN A 1 9  ? 10.205  -5.234  -1.570 1.00 1.30 ? 9  GLN A CD   1 
ATOM 122 O OE1  . GLN A 1 9  ? 11.142  -4.463  -1.634 1.00 1.97 ? 9  GLN A OE1  1 
ATOM 123 N NE2  . GLN A 1 9  ? 10.223  -6.212  -0.703 1.00 1.91 ? 9  GLN A NE2  1 
ATOM 124 H H    . GLN A 1 9  ? 6.848   -1.980  -1.316 1.00 0.35 ? 9  GLN A H    1 
ATOM 125 H HA   . GLN A 1 9  ? 7.889   -3.152  -3.773 1.00 0.45 ? 9  GLN A HA   1 
ATOM 126 H HB2  . GLN A 1 9  ? 8.502   -3.423  -1.206 1.00 0.83 ? 9  GLN A HB2  1 
ATOM 127 H HB3  . GLN A 1 9  ? 7.279   -4.692  -1.266 1.00 0.76 ? 9  GLN A HB3  1 
ATOM 128 H HG2  . GLN A 1 9  ? 8.533   -6.032  -2.658 1.00 1.61 ? 9  GLN A HG2  1 
ATOM 129 H HG3  . GLN A 1 9  ? 9.323   -4.661  -3.441 1.00 1.58 ? 9  GLN A HG3  1 
ATOM 130 H HE21 . GLN A 1 9  ? 9.468   -6.834  -0.649 1.00 2.33 ? 9  GLN A HE21 1 
ATOM 131 H HE22 . GLN A 1 9  ? 10.992  -6.323  -0.108 1.00 2.38 ? 9  GLN A HE22 1 
ATOM 132 N N    . VAL A 1 10 ? 4.959   -4.195  -2.577 1.00 0.27 ? 10 VAL A N    1 
ATOM 133 C CA   . VAL A 1 10 ? 3.722   -4.940  -2.990 1.00 0.26 ? 10 VAL A CA   1 
ATOM 134 C C    . VAL A 1 10 ? 2.775   -4.045  -3.824 1.00 0.26 ? 10 VAL A C    1 
ATOM 135 O O    . VAL A 1 10 ? 1.650   -4.421  -4.101 1.00 0.28 ? 10 VAL A O    1 
ATOM 136 C CB   . VAL A 1 10 ? 3.061   -5.367  -1.669 1.00 0.25 ? 10 VAL A CB   1 
ATOM 137 C CG1  . VAL A 1 10 ? 2.381   -4.165  -1.005 1.00 0.24 ? 10 VAL A CG1  1 
ATOM 138 C CG2  . VAL A 1 10 ? 2.016   -6.453  -1.944 1.00 0.28 ? 10 VAL A CG2  1 
ATOM 139 H H    . VAL A 1 10 ? 4.998   -3.760  -1.686 1.00 0.26 ? 10 VAL A H    1 
ATOM 140 H HA   . VAL A 1 10 ? 3.992   -5.818  -3.560 1.00 0.31 ? 10 VAL A HA   1 
ATOM 141 H HB   . VAL A 1 10 ? 3.818   -5.759  -1.004 1.00 0.28 ? 10 VAL A HB   1 
ATOM 142 H HG11 . VAL A 1 10 ? 1.312   -4.312  -0.999 1.00 1.05 ? 10 VAL A HG11 1 
ATOM 143 H HG12 . VAL A 1 10 ? 2.618   -3.266  -1.556 1.00 1.02 ? 10 VAL A HG12 1 
ATOM 144 H HG13 . VAL A 1 10 ? 2.737   -4.068  0.010  1.00 1.00 ? 10 VAL A HG13 1 
ATOM 145 H HG21 . VAL A 1 10 ? 2.071   -6.753  -2.979 1.00 1.08 ? 10 VAL A HG21 1 
ATOM 146 H HG22 . VAL A 1 10 ? 1.031   -6.067  -1.734 1.00 1.06 ? 10 VAL A HG22 1 
ATOM 147 H HG23 . VAL A 1 10 ? 2.211   -7.306  -1.311 1.00 1.01 ? 10 VAL A HG23 1 
ATOM 148 N N    . CYS A 1 11 ? 3.214   -2.871  -4.233 1.00 0.25 ? 11 CYS A N    1 
ATOM 149 C CA   . CYS A 1 11 ? 2.332   -1.976  -5.053 1.00 0.27 ? 11 CYS A CA   1 
ATOM 150 C C    . CYS A 1 11 ? 2.105   -2.576  -6.455 1.00 0.29 ? 11 CYS A C    1 
ATOM 151 O O    . CYS A 1 11 ? 0.974   -2.678  -6.890 1.00 0.31 ? 11 CYS A O    1 
ATOM 152 C CB   . CYS A 1 11 ? 3.068   -0.631  -5.143 1.00 0.29 ? 11 CYS A CB   1 
ATOM 153 S SG   . CYS A 1 11 ? 2.226   0.442   -6.338 1.00 0.77 ? 11 CYS A SG   1 
ATOM 154 H H    . CYS A 1 11 ? 4.121   -2.582  -4.005 1.00 0.26 ? 11 CYS A H    1 
ATOM 155 H HA   . CYS A 1 11 ? 1.386   -1.839  -4.555 1.00 0.28 ? 11 CYS A HA   1 
ATOM 156 H HB2  . CYS A 1 11 ? 3.067   -0.157  -4.174 1.00 0.55 ? 11 CYS A HB2  1 
ATOM 157 H HB3  . CYS A 1 11 ? 4.085   -0.795  -5.461 1.00 0.59 ? 11 CYS A HB3  1 
ATOM 158 N N    . PRO A 1 12 ? 3.178   -2.967  -7.121 1.00 0.31 ? 12 PRO A N    1 
ATOM 159 C CA   . PRO A 1 12 ? 3.048   -3.569  -8.478 1.00 0.35 ? 12 PRO A CA   1 
ATOM 160 C C    . PRO A 1 12 ? 2.523   -5.018  -8.402 1.00 0.34 ? 12 PRO A C    1 
ATOM 161 O O    . PRO A 1 12 ? 2.351   -5.668  -9.418 1.00 0.38 ? 12 PRO A O    1 
ATOM 162 C CB   . PRO A 1 12 ? 4.474   -3.540  -9.022 1.00 0.40 ? 12 PRO A CB   1 
ATOM 163 C CG   . PRO A 1 12 ? 5.357   -3.534  -7.816 1.00 0.39 ? 12 PRO A CG   1 
ATOM 164 C CD   . PRO A 1 12 ? 4.585   -2.888  -6.694 1.00 0.33 ? 12 PRO A CD   1 
ATOM 165 H HA   . PRO A 1 12 ? 2.409   -2.966  -9.100 1.00 0.38 ? 12 PRO A HA   1 
ATOM 166 H HB2  . PRO A 1 12 ? 4.663   -4.420  -9.623 1.00 0.42 ? 12 PRO A HB2  1 
ATOM 167 H HB3  . PRO A 1 12 ? 4.636   -2.645  -9.602 1.00 0.44 ? 12 PRO A HB3  1 
ATOM 168 H HG2  . PRO A 1 12 ? 5.619   -4.549  -7.547 1.00 0.38 ? 12 PRO A HG2  1 
ATOM 169 H HG3  . PRO A 1 12 ? 6.250   -2.963  -8.016 1.00 0.44 ? 12 PRO A HG3  1 
ATOM 170 H HD2  . PRO A 1 12 ? 4.735   -3.436  -5.775 1.00 0.33 ? 12 PRO A HD2  1 
ATOM 171 H HD3  . PRO A 1 12 ? 4.880   -1.859  -6.576 1.00 0.36 ? 12 PRO A HD3  1 
ATOM 172 N N    . ARG A 1 13 ? 2.269   -5.531  -7.213 1.00 0.30 ? 13 ARG A N    1 
ATOM 173 C CA   . ARG A 1 13 ? 1.760   -6.934  -7.079 1.00 0.32 ? 13 ARG A CA   1 
ATOM 174 C C    . ARG A 1 13 ? 0.303   -7.034  -7.563 1.00 0.32 ? 13 ARG A C    1 
ATOM 175 O O    . ARG A 1 13 ? -0.195  -6.158  -8.248 1.00 0.39 ? 13 ARG A O    1 
ATOM 176 C CB   . ARG A 1 13 ? 1.854   -7.247  -5.581 1.00 0.32 ? 13 ARG A CB   1 
ATOM 177 C CG   . ARG A 1 13 ? 3.140   -8.024  -5.303 1.00 0.36 ? 13 ARG A CG   1 
ATOM 178 C CD   . ARG A 1 13 ? 2.980   -8.839  -4.017 1.00 0.63 ? 13 ARG A CD   1 
ATOM 179 N NE   . ARG A 1 13 ? 3.629   -10.147 -4.306 1.00 1.03 ? 13 ARG A NE   1 
ATOM 180 C CZ   . ARG A 1 13 ? 4.796   -10.427 -3.790 1.00 1.37 ? 13 ARG A CZ   1 
ATOM 181 N NH1  . ARG A 1 13 ? 5.885   -10.212 -4.483 1.00 2.15 ? 13 ARG A NH1  1 
ATOM 182 N NH2  . ARG A 1 13 ? 4.875   -10.922 -2.582 1.00 1.94 ? 13 ARG A NH2  1 
ATOM 183 H H    . ARG A 1 13 ? 2.416   -4.995  -6.409 1.00 0.29 ? 13 ARG A H    1 
ATOM 184 H HA   . ARG A 1 13 ? 2.384   -7.614  -7.635 1.00 0.35 ? 13 ARG A HA   1 
ATOM 185 H HB2  . ARG A 1 13 ? 1.862   -6.327  -5.020 1.00 0.35 ? 13 ARG A HB2  1 
ATOM 186 H HB3  . ARG A 1 13 ? 1.005   -7.842  -5.280 1.00 0.37 ? 13 ARG A HB3  1 
ATOM 187 H HG2  . ARG A 1 13 ? 3.340   -8.687  -6.128 1.00 0.57 ? 13 ARG A HG2  1 
ATOM 188 H HG3  . ARG A 1 13 ? 3.960   -7.331  -5.188 1.00 0.66 ? 13 ARG A HG3  1 
ATOM 189 H HD2  . ARG A 1 13 ? 3.476   -8.342  -3.194 1.00 0.96 ? 13 ARG A HD2  1 
ATOM 190 H HD3  . ARG A 1 13 ? 1.935   -8.988  -3.792 1.00 1.01 ? 13 ARG A HD3  1 
ATOM 191 H HE   . ARG A 1 13 ? 3.180   -10.799 -4.885 1.00 1.64 ? 13 ARG A HE   1 
ATOM 192 H HH11 . ARG A 1 13 ? 5.823   -9.834  -5.407 1.00 2.57 ? 13 ARG A HH11 1 
ATOM 193 H HH12 . ARG A 1 13 ? 6.780   -10.426 -4.090 1.00 2.70 ? 13 ARG A HH12 1 
ATOM 194 H HH21 . ARG A 1 13 ? 4.041   -11.086 -2.053 1.00 2.30 ? 13 ARG A HH21 1 
ATOM 195 H HH22 . ARG A 1 13 ? 5.767   -11.137 -2.186 1.00 2.48 ? 13 ARG A HH22 1 
ATOM 196 N N    . ILE A 1 14 ? -0.375  -8.104  -7.220 1.00 0.32 ? 14 ILE A N    1 
ATOM 197 C CA   . ILE A 1 14 ? -1.799  -8.275  -7.666 1.00 0.35 ? 14 ILE A CA   1 
ATOM 198 C C    . ILE A 1 14 ? -2.730  -7.296  -6.923 1.00 0.34 ? 14 ILE A C    1 
ATOM 199 O O    . ILE A 1 14 ? -2.319  -6.234  -6.496 1.00 0.34 ? 14 ILE A O    1 
ATOM 200 C CB   . ILE A 1 14 ? -2.167  -9.740  -7.360 1.00 0.38 ? 14 ILE A CB   1 
ATOM 201 C CG1  . ILE A 1 14 ? -2.083  -10.002 -5.848 1.00 0.39 ? 14 ILE A CG1  1 
ATOM 202 C CG2  . ILE A 1 14 ? -1.210  -10.676 -8.103 1.00 0.45 ? 14 ILE A CG2  1 
ATOM 203 C CD1  . ILE A 1 14 ? -2.254  -11.497 -5.564 1.00 0.98 ? 14 ILE A CD1  1 
ATOM 204 H H    . ILE A 1 14 ? 0.056   -8.798  -6.678 1.00 0.35 ? 14 ILE A H    1 
ATOM 205 H HA   . ILE A 1 14 ? -1.869  -8.104  -8.729 1.00 0.39 ? 14 ILE A HA   1 
ATOM 206 H HB   . ILE A 1 14 ? -3.176  -9.930  -7.700 1.00 0.43 ? 14 ILE A HB   1 
ATOM 207 H HG12 . ILE A 1 14 ? -1.128  -9.672  -5.482 1.00 0.55 ? 14 ILE A HG12 1 
ATOM 208 H HG13 . ILE A 1 14 ? -2.863  -9.454  -5.344 1.00 0.56 ? 14 ILE A HG13 1 
ATOM 209 H HG21 . ILE A 1 14 ? -0.992  -10.266 -9.078 1.00 1.07 ? 14 ILE A HG21 1 
ATOM 210 H HG22 . ILE A 1 14 ? -1.671  -11.647 -8.215 1.00 1.05 ? 14 ILE A HG22 1 
ATOM 211 H HG23 . ILE A 1 14 ? -0.294  -10.776 -7.540 1.00 1.22 ? 14 ILE A HG23 1 
ATOM 212 H HD11 . ILE A 1 14 ? -2.439  -11.646 -4.511 1.00 1.66 ? 14 ILE A HD11 1 
ATOM 213 H HD12 . ILE A 1 14 ? -1.354  -12.024 -5.849 1.00 1.41 ? 14 ILE A HD12 1 
ATOM 214 H HD13 . ILE A 1 14 ? -3.089  -11.879 -6.133 1.00 1.45 ? 14 ILE A HD13 1 
ATOM 215 N N    . VAL A 1 15 ? -3.986  -7.641  -6.793 1.00 0.41 ? 15 VAL A N    1 
ATOM 216 C CA   . VAL A 1 15 ? -4.965  -6.728  -6.110 1.00 0.46 ? 15 VAL A CA   1 
ATOM 217 C C    . VAL A 1 15 ? -5.111  -7.036  -4.603 1.00 0.45 ? 15 VAL A C    1 
ATOM 218 O O    . VAL A 1 15 ? -5.031  -6.124  -3.802 1.00 0.48 ? 15 VAL A O    1 
ATOM 219 C CB   . VAL A 1 15 ? -6.297  -6.944  -6.845 1.00 0.58 ? 15 VAL A CB   1 
ATOM 220 C CG1  . VAL A 1 15 ? -7.411  -6.157  -6.147 1.00 0.80 ? 15 VAL A CG1  1 
ATOM 221 C CG2  . VAL A 1 15 ? -6.165  -6.457  -8.292 1.00 0.61 ? 15 VAL A CG2  1 
ATOM 222 H H    . VAL A 1 15 ? -4.290  -8.493  -7.167 1.00 0.45 ? 15 VAL A H    1 
ATOM 223 H HA   . VAL A 1 15 ? -4.651  -5.702  -6.237 1.00 0.47 ? 15 VAL A HA   1 
ATOM 224 H HB   . VAL A 1 15 ? -6.544  -7.996  -6.840 1.00 0.58 ? 15 VAL A HB   1 
ATOM 225 H HG11 . VAL A 1 15 ? -8.285  -6.131  -6.782 1.00 1.29 ? 15 VAL A HG11 1 
ATOM 226 H HG12 . VAL A 1 15 ? -7.076  -5.148  -5.956 1.00 1.26 ? 15 VAL A HG12 1 
ATOM 227 H HG13 . VAL A 1 15 ? -7.660  -6.637  -5.212 1.00 1.39 ? 15 VAL A HG13 1 
ATOM 228 H HG21 . VAL A 1 15 ? -5.482  -7.102  -8.827 1.00 1.17 ? 15 VAL A HG21 1 
ATOM 229 H HG22 . VAL A 1 15 ? -5.785  -5.446  -8.299 1.00 1.17 ? 15 VAL A HG22 1 
ATOM 230 H HG23 . VAL A 1 15 ? -7.132  -6.482  -8.770 1.00 1.19 ? 15 VAL A HG23 1 
ATOM 231 N N    . PRO A 1 16 ? -5.334  -8.291  -4.244 1.00 0.46 ? 16 PRO A N    1 
ATOM 232 C CA   . PRO A 1 16 ? -5.499  -8.638  -2.803 1.00 0.50 ? 16 PRO A CA   1 
ATOM 233 C C    . PRO A 1 16 ? -4.210  -8.364  -2.012 1.00 0.47 ? 16 PRO A C    1 
ATOM 234 O O    . PRO A 1 16 ? -4.260  -8.051  -0.839 1.00 0.72 ? 16 PRO A O    1 
ATOM 235 C CB   . PRO A 1 16 ? -5.853  -10.125 -2.824 1.00 0.55 ? 16 PRO A CB   1 
ATOM 236 C CG   . PRO A 1 16 ? -5.307  -10.623 -4.120 1.00 0.52 ? 16 PRO A CG   1 
ATOM 237 C CD   . PRO A 1 16 ? -5.441  -9.486  -5.097 1.00 0.50 ? 16 PRO A CD   1 
ATOM 238 H HA   . PRO A 1 16 ? -6.319  -8.077  -2.380 1.00 0.55 ? 16 PRO A HA   1 
ATOM 239 H HB2  . PRO A 1 16 ? -5.384  -10.634 -1.993 1.00 0.58 ? 16 PRO A HB2  1 
ATOM 240 H HB3  . PRO A 1 16 ? -6.922  -10.260 -2.798 1.00 0.62 ? 16 PRO A HB3  1 
ATOM 241 H HG2  . PRO A 1 16 ? -4.267  -10.895 -4.002 1.00 0.48 ? 16 PRO A HG2  1 
ATOM 242 H HG3  . PRO A 1 16 ? -5.879  -11.470 -4.464 1.00 0.60 ? 16 PRO A HG3  1 
ATOM 243 H HD2  . PRO A 1 16 ? -4.642  -9.522  -5.818 1.00 0.48 ? 16 PRO A HD2  1 
ATOM 244 H HD3  . PRO A 1 16 ? -6.403  -9.512  -5.583 1.00 0.61 ? 16 PRO A HD3  1 
ATOM 245 N N    . GLU A 1 17 ? -3.064  -8.454  -2.648 1.00 0.36 ? 17 GLU A N    1 
ATOM 246 C CA   . GLU A 1 17 ? -1.781  -8.171  -1.932 1.00 0.39 ? 17 GLU A CA   1 
ATOM 247 C C    . GLU A 1 17 ? -1.636  -6.659  -1.704 1.00 0.34 ? 17 GLU A C    1 
ATOM 248 O O    . GLU A 1 17 ? -1.123  -6.225  -0.690 1.00 0.40 ? 17 GLU A O    1 
ATOM 249 C CB   . GLU A 1 17 ? -0.675  -8.683  -2.861 1.00 0.45 ? 17 GLU A CB   1 
ATOM 250 C CG   . GLU A 1 17 ? -0.231  -10.080 -2.415 1.00 0.63 ? 17 GLU A CG   1 
ATOM 251 C CD   . GLU A 1 17 ? 0.661   -9.969  -1.172 1.00 1.04 ? 17 GLU A CD   1 
ATOM 252 O OE1  . GLU A 1 17 ? 1.865   -9.863  -1.337 1.00 1.57 ? 17 GLU A OE1  1 
ATOM 253 O OE2  . GLU A 1 17 ? 0.123   -9.991  -0.076 1.00 1.73 ? 17 GLU A OE2  1 
ATOM 254 H H    . GLU A 1 17 ? -3.048  -8.690  -3.597 1.00 0.50 ? 17 GLU A H    1 
ATOM 255 H HA   . GLU A 1 17 ? -1.750  -8.699  -0.992 1.00 0.45 ? 17 GLU A HA   1 
ATOM 256 H HB2  . GLU A 1 17 ? -1.049  -8.730  -3.872 1.00 0.70 ? 17 GLU A HB2  1 
ATOM 257 H HB3  . GLU A 1 17 ? 0.166   -8.011  -2.822 1.00 0.65 ? 17 GLU A HB3  1 
ATOM 258 H HG2  . GLU A 1 17 ? -1.101  -10.676 -2.183 1.00 0.89 ? 17 GLU A HG2  1 
ATOM 259 H HG3  . GLU A 1 17 ? 0.325   -10.551 -3.212 1.00 0.92 ? 17 GLU A HG3  1 
ATOM 260 N N    . ARG A 1 18 ? -2.100  -5.860  -2.641 1.00 0.30 ? 18 ARG A N    1 
ATOM 261 C CA   . ARG A 1 18 ? -2.010  -4.372  -2.490 1.00 0.31 ? 18 ARG A CA   1 
ATOM 262 C C    . ARG A 1 18 ? -2.841  -3.914  -1.285 1.00 0.32 ? 18 ARG A C    1 
ATOM 263 O O    . ARG A 1 18 ? -2.381  -3.143  -0.463 1.00 0.36 ? 18 ARG A O    1 
ATOM 264 C CB   . ARG A 1 18 ? -2.594  -3.805  -3.790 1.00 0.33 ? 18 ARG A CB   1 
ATOM 265 C CG   . ARG A 1 18 ? -1.485  -3.683  -4.836 1.00 0.34 ? 18 ARG A CG   1 
ATOM 266 C CD   . ARG A 1 18 ? -1.894  -2.665  -5.903 1.00 0.44 ? 18 ARG A CD   1 
ATOM 267 N NE   . ARG A 1 18 ? -1.799  -3.394  -7.201 1.00 0.46 ? 18 ARG A NE   1 
ATOM 268 C CZ   . ARG A 1 18 ? -2.370  -2.903  -8.269 1.00 0.64 ? 18 ARG A CZ   1 
ATOM 269 N NH1  . ARG A 1 18 ? -3.640  -3.126  -8.494 1.00 1.24 ? 18 ARG A NH1  1 
ATOM 270 N NH2  . ARG A 1 18 ? -1.670  -2.190  -9.112 1.00 1.43 ? 18 ARG A NH2  1 
ATOM 271 H H    . ARG A 1 18 ? -2.515  -6.240  -3.443 1.00 0.31 ? 18 ARG A H    1 
ATOM 272 H HA   . ARG A 1 18 ? -0.983  -4.064  -2.380 1.00 0.35 ? 18 ARG A HA   1 
ATOM 273 H HB2  . ARG A 1 18 ? -3.363  -4.468  -4.158 1.00 0.35 ? 18 ARG A HB2  1 
ATOM 274 H HB3  . ARG A 1 18 ? -3.019  -2.832  -3.603 1.00 0.38 ? 18 ARG A HB3  1 
ATOM 275 H HG2  . ARG A 1 18 ? -0.573  -3.357  -4.358 1.00 0.37 ? 18 ARG A HG2  1 
ATOM 276 H HG3  . ARG A 1 18 ? -1.326  -4.642  -5.301 1.00 0.35 ? 18 ARG A HG3  1 
ATOM 277 H HD2  . ARG A 1 18 ? -2.908  -2.330  -5.732 1.00 0.55 ? 18 ARG A HD2  1 
ATOM 278 H HD3  . ARG A 1 18 ? -1.215  -1.827  -5.901 1.00 0.50 ? 18 ARG A HD3  1 
ATOM 279 H HE   . ARG A 1 18 ? -1.304  -4.239  -7.257 1.00 0.47 ? 18 ARG A HE   1 
ATOM 280 H HH11 . ARG A 1 18 ? -4.175  -3.673  -7.849 1.00 1.97 ? 18 ARG A HH11 1 
ATOM 281 H HH12 . ARG A 1 18 ? -4.078  -2.748  -9.310 1.00 1.34 ? 18 ARG A HH12 1 
ATOM 282 H HH21 . ARG A 1 18 ? -0.699  -2.021  -8.940 1.00 2.15 ? 18 ARG A HH21 1 
ATOM 283 H HH22 . ARG A 1 18 ? -2.105  -1.811  -9.930 1.00 1.56 ? 18 ARG A HH22 1 
ATOM 284 N N    . HIS A 1 19 ? -4.057  -4.395  -1.172 1.00 0.37 ? 19 HIS A N    1 
ATOM 285 C CA   . HIS A 1 19 ? -4.923  -4.006  -0.018 1.00 0.44 ? 19 HIS A CA   1 
ATOM 286 C C    . HIS A 1 19 ? -4.451  -4.708  1.264  1.00 0.46 ? 19 HIS A C    1 
ATOM 287 O O    . HIS A 1 19 ? -4.658  -4.215  2.357  1.00 0.60 ? 19 HIS A O    1 
ATOM 288 C CB   . HIS A 1 19 ? -6.327  -4.480  -0.403 1.00 0.53 ? 19 HIS A CB   1 
ATOM 289 C CG   . HIS A 1 19 ? -6.907  -3.553  -1.437 1.00 0.59 ? 19 HIS A CG   1 
ATOM 290 N ND1  . HIS A 1 19 ? -7.477  -2.336  -1.102 1.00 0.91 ? 19 HIS A ND1  1 
ATOM 291 C CD2  . HIS A 1 19 ? -7.008  -3.651  -2.803 1.00 0.87 ? 19 HIS A CD2  1 
ATOM 292 C CE1  . HIS A 1 19 ? -7.891  -1.754  -2.243 1.00 1.26 ? 19 HIS A CE1  1 
ATOM 293 N NE2  . HIS A 1 19 ? -7.629  -2.514  -3.310 1.00 1.26 ? 19 HIS A NE2  1 
ATOM 294 H H    . HIS A 1 19 ? -4.398  -5.021  -1.844 1.00 0.41 ? 19 HIS A H    1 
ATOM 295 H HA   . HIS A 1 19 ? -4.918  -2.936  0.113  1.00 0.47 ? 19 HIS A HA   1 
ATOM 296 H HB2  . HIS A 1 19 ? -6.273  -5.480  -0.806 1.00 0.74 ? 19 HIS A HB2  1 
ATOM 297 H HB3  . HIS A 1 19 ? -6.956  -4.480  0.470  1.00 0.80 ? 19 HIS A HB3  1 
ATOM 298 H HD1  . HIS A 1 19 ? -7.566  -1.966  -0.199 1.00 1.02 ? 19 HIS A HD1  1 
ATOM 299 H HD2  . HIS A 1 19 ? -6.659  -4.485  -3.393 1.00 0.97 ? 19 HIS A HD2  1 
ATOM 300 H HE1  . HIS A 1 19 ? -8.375  -0.790  -2.289 1.00 1.61 ? 19 HIS A HE1  1 
ATOM 301 N N    . GLU A 1 20 ? -3.813  -5.852  1.135  1.00 0.44 ? 20 GLU A N    1 
ATOM 302 C CA   . GLU A 1 20 ? -3.318  -6.592  2.329  1.00 0.49 ? 20 GLU A CA   1 
ATOM 303 C C    . GLU A 1 20 ? -2.203  -5.795  3.029  1.00 0.46 ? 20 GLU A C    1 
ATOM 304 O O    . GLU A 1 20 ? -2.131  -5.767  4.240  1.00 0.58 ? 20 GLU A O    1 
ATOM 305 C CB   . GLU A 1 20 ? -2.791  -7.921  1.758  1.00 0.52 ? 20 GLU A CB   1 
ATOM 306 C CG   . GLU A 1 20 ? -1.710  -8.501  2.668  1.00 0.86 ? 20 GLU A CG   1 
ATOM 307 C CD   . GLU A 1 20 ? -2.015  -9.973  2.963  1.00 0.96 ? 20 GLU A CD   1 
ATOM 308 O OE1  . GLU A 1 20 ? -1.701  -10.804 2.127  1.00 1.61 ? 20 GLU A OE1  1 
ATOM 309 O OE2  . GLU A 1 20 ? -2.557  -10.244 4.023  1.00 1.58 ? 20 GLU A OE2  1 
ATOM 310 H H    . GLU A 1 20 ? -3.654  -6.224  0.247  1.00 0.50 ? 20 GLU A H    1 
ATOM 311 H HA   . GLU A 1 20 ? -4.128  -6.784  3.013  1.00 0.57 ? 20 GLU A HA   1 
ATOM 312 H HB2  . GLU A 1 20 ? -3.607  -8.624  1.679  1.00 0.74 ? 20 GLU A HB2  1 
ATOM 313 H HB3  . GLU A 1 20 ? -2.374  -7.748  0.777  1.00 0.69 ? 20 GLU A HB3  1 
ATOM 314 H HG2  . GLU A 1 20 ? -0.750  -8.421  2.178  1.00 1.45 ? 20 GLU A HG2  1 
ATOM 315 H HG3  . GLU A 1 20 ? -1.691  -7.946  3.588  1.00 1.45 ? 20 GLU A HG3  1 
ATOM 316 N N    . CYS A 1 21 ? -1.335  -5.155  2.274  1.00 0.39 ? 21 CYS A N    1 
ATOM 317 C CA   . CYS A 1 21 ? -0.222  -4.367  2.899  1.00 0.40 ? 21 CYS A CA   1 
ATOM 318 C C    . CYS A 1 21 ? -0.777  -3.273  3.825  1.00 0.44 ? 21 CYS A C    1 
ATOM 319 O O    . CYS A 1 21 ? -0.473  -3.241  5.001  1.00 0.71 ? 21 CYS A O    1 
ATOM 320 C CB   . CYS A 1 21 ? 0.538   -3.738  1.727  1.00 0.40 ? 21 CYS A CB   1 
ATOM 321 S SG   . CYS A 1 21 ? 1.793   -2.600  2.367  1.00 1.07 ? 21 CYS A SG   1 
ATOM 322 H H    . CYS A 1 21 ? -1.414  -5.199  1.297  1.00 0.40 ? 21 CYS A H    1 
ATOM 323 H HA   . CYS A 1 21 ? 0.435   -5.022  3.449  1.00 0.42 ? 21 CYS A HA   1 
ATOM 324 H HB2  . CYS A 1 21 ? 1.016   -4.516  1.151  1.00 0.73 ? 21 CYS A HB2  1 
ATOM 325 H HB3  . CYS A 1 21 ? -0.153  -3.198  1.097  1.00 0.83 ? 21 CYS A HB3  1 
ATOM 326 N N    . CYS A 1 22 ? -1.579  -2.377  3.299  1.00 0.28 ? 22 CYS A N    1 
ATOM 327 C CA   . CYS A 1 22 ? -2.150  -1.278  4.146  1.00 0.34 ? 22 CYS A CA   1 
ATOM 328 C C    . CYS A 1 22 ? -2.958  -1.857  5.317  1.00 0.39 ? 22 CYS A C    1 
ATOM 329 O O    . CYS A 1 22 ? -2.742  -1.498  6.458  1.00 0.66 ? 22 CYS A O    1 
ATOM 330 C CB   . CYS A 1 22 ? -3.066  -0.472  3.215  1.00 0.34 ? 22 CYS A CB   1 
ATOM 331 S SG   . CYS A 1 22 ? -2.122  0.148   1.797  1.00 0.55 ? 22 CYS A SG   1 
ATOM 332 H H    . CYS A 1 22 ? -1.800  -2.425  2.342  1.00 0.33 ? 22 CYS A H    1 
ATOM 333 H HA   . CYS A 1 22 ? -1.359  -0.645  4.518  1.00 0.42 ? 22 CYS A HA   1 
ATOM 334 H HB2  . CYS A 1 22 ? -3.866  -1.106  2.862  1.00 0.39 ? 22 CYS A HB2  1 
ATOM 335 H HB3  . CYS A 1 22 ? -3.485  0.363   3.760  1.00 0.41 ? 22 CYS A HB3  1 
ATOM 336 N N    . ARG A 1 23 ? -3.884  -2.745  5.044  1.00 0.36 ? 23 ARG A N    1 
ATOM 337 C CA   . ARG A 1 23 ? -4.710  -3.343  6.146  1.00 0.44 ? 23 ARG A CA   1 
ATOM 338 C C    . ARG A 1 23 ? -3.822  -4.042  7.190  1.00 0.53 ? 23 ARG A C    1 
ATOM 339 O O    . ARG A 1 23 ? -4.096  -3.991  8.375  1.00 0.93 ? 23 ARG A O    1 
ATOM 340 C CB   . ARG A 1 23 ? -5.629  -4.358  5.456  1.00 0.57 ? 23 ARG A CB   1 
ATOM 341 C CG   . ARG A 1 23 ? -6.766  -3.618  4.743  1.00 0.74 ? 23 ARG A CG   1 
ATOM 342 C CD   . ARG A 1 23 ? -8.103  -4.286  5.077  1.00 1.50 ? 23 ARG A CD   1 
ATOM 343 N NE   . ARG A 1 23 ? -9.126  -3.517  4.310  1.00 1.53 ? 23 ARG A NE   1 
ATOM 344 C CZ   . ARG A 1 23 ? -10.309 -4.031  4.105  1.00 2.00 ? 23 ARG A CZ   1 
ATOM 345 N NH1  . ARG A 1 23 ? -11.288 -3.769  4.932  1.00 2.54 ? 23 ARG A NH1  1 
ATOM 346 N NH2  . ARG A 1 23 ? -10.515 -4.807  3.071  1.00 2.68 ? 23 ARG A NH2  1 
ATOM 347 H H    . ARG A 1 23 ? -4.038  -3.017  4.115  1.00 0.47 ? 23 ARG A H    1 
ATOM 348 H HA   . ARG A 1 23 ? -5.305  -2.579  6.619  1.00 0.45 ? 23 ARG A HA   1 
ATOM 349 H HB2  . ARG A 1 23 ? -5.059  -4.926  4.734  1.00 0.72 ? 23 ARG A HB2  1 
ATOM 350 H HB3  . ARG A 1 23 ? -6.044  -5.027  6.194  1.00 0.69 ? 23 ARG A HB3  1 
ATOM 351 H HG2  . ARG A 1 23 ? -6.787  -2.588  5.069  1.00 1.15 ? 23 ARG A HG2  1 
ATOM 352 H HG3  . ARG A 1 23 ? -6.605  -3.653  3.677  1.00 1.13 ? 23 ARG A HG3  1 
ATOM 353 H HD2  . ARG A 1 23 ? -8.093  -5.321  4.760  1.00 2.18 ? 23 ARG A HD2  1 
ATOM 354 H HD3  . ARG A 1 23 ? -8.304  -4.217  6.134  1.00 2.11 ? 23 ARG A HD3  1 
ATOM 355 H HE   . ARG A 1 23 ? -8.912  -2.625  3.963  1.00 1.84 ? 23 ARG A HE   1 
ATOM 356 H HH11 . ARG A 1 23 ? -11.130 -3.176  5.723  1.00 2.73 ? 23 ARG A HH11 1 
ATOM 357 H HH12 . ARG A 1 23 ? -12.195 -4.162  4.778  1.00 3.15 ? 23 ARG A HH12 1 
ATOM 358 H HH21 . ARG A 1 23 ? -9.765  -5.007  2.439  1.00 2.95 ? 23 ARG A HH21 1 
ATOM 359 H HH22 . ARG A 1 23 ? -11.420 -5.202  2.912  1.00 3.28 ? 23 ARG A HH22 1 
ATOM 360 N N    . ALA A 1 24 ? -2.764  -4.692  6.762  1.00 0.45 ? 24 ALA A N    1 
ATOM 361 C CA   . ALA A 1 24 ? -1.860  -5.397  7.731  1.00 0.51 ? 24 ALA A CA   1 
ATOM 362 C C    . ALA A 1 24 ? -0.993  -4.399  8.519  1.00 0.48 ? 24 ALA A C    1 
ATOM 363 O O    . ALA A 1 24 ? -0.517  -4.711  9.596  1.00 0.81 ? 24 ALA A O    1 
ATOM 364 C CB   . ALA A 1 24 ? -0.974  -6.301  6.871  1.00 0.64 ? 24 ALA A CB   1 
ATOM 365 H H    . ALA A 1 24 ? -2.564  -4.720  5.802  1.00 0.65 ? 24 ALA A H    1 
ATOM 366 H HA   . ALA A 1 24 ? -2.442  -6.000  8.410  1.00 0.57 ? 24 ALA A HA   1 
ATOM 367 H HB1  . ALA A 1 24 ? -1.591  -7.020  6.353  1.00 1.19 ? 24 ALA A HB1  1 
ATOM 368 H HB2  . ALA A 1 24 ? -0.269  -6.821  7.504  1.00 1.17 ? 24 ALA A HB2  1 
ATOM 369 H HB3  . ALA A 1 24 ? -0.436  -5.701  6.152  1.00 1.29 ? 24 ALA A HB3  1 
ATOM 370 N N    . HIS A 1 25 ? -0.775  -3.211  7.999  1.00 0.42 ? 25 HIS A N    1 
ATOM 371 C CA   . HIS A 1 25 ? 0.070   -2.215  8.734  1.00 0.46 ? 25 HIS A CA   1 
ATOM 372 C C    . HIS A 1 25 ? -0.798  -1.221  9.528  1.00 0.48 ? 25 HIS A C    1 
ATOM 373 O O    . HIS A 1 25 ? -0.353  -0.140  9.871  1.00 0.77 ? 25 HIS A O    1 
ATOM 374 C CB   . HIS A 1 25 ? 0.870   -1.494  7.645  1.00 0.49 ? 25 HIS A CB   1 
ATOM 375 C CG   . HIS A 1 25 ? 2.072   -2.326  7.281  1.00 0.63 ? 25 HIS A CG   1 
ATOM 376 N ND1  . HIS A 1 25 ? 1.979   -3.443  6.467  1.00 0.83 ? 25 HIS A ND1  1 
ATOM 377 C CD2  . HIS A 1 25 ? 3.397   -2.222  7.623  1.00 1.63 ? 25 HIS A CD2  1 
ATOM 378 C CE1  . HIS A 1 25 ? 3.214   -3.963  6.348  1.00 0.70 ? 25 HIS A CE1  1 
ATOM 379 N NE2  . HIS A 1 25 ? 4.116   -3.257  7.034  1.00 1.44 ? 25 HIS A NE2  1 
ATOM 380 H H    . HIS A 1 25 ? -1.162  -2.976  7.129  1.00 0.64 ? 25 HIS A H    1 
ATOM 381 H HA   . HIS A 1 25 ? 0.747   -2.725  9.401  1.00 0.53 ? 25 HIS A HA   1 
ATOM 382 H HB2  . HIS A 1 25 ? 0.250   -1.354  6.771  1.00 0.46 ? 25 HIS A HB2  1 
ATOM 383 H HB3  . HIS A 1 25 ? 1.198   -0.534  8.013  1.00 0.64 ? 25 HIS A HB3  1 
ATOM 384 H HD1  . HIS A 1 25 ? 1.162   -3.792  6.052  1.00 1.65 ? 25 HIS A HD1  1 
ATOM 385 H HD2  . HIS A 1 25 ? 3.819   -1.452  8.255  1.00 2.56 ? 25 HIS A HD2  1 
ATOM 386 H HE1  . HIS A 1 25 ? 3.447   -4.845  5.770  1.00 1.00 ? 25 HIS A HE1  1 
ATOM 387 N N    . GLY A 1 26 ? -2.025  -1.581  9.833  1.00 0.45 ? 26 GLY A N    1 
ATOM 388 C CA   . GLY A 1 26 ? -2.915  -0.667  10.615 1.00 0.49 ? 26 GLY A CA   1 
ATOM 389 C C    . GLY A 1 26 ? -3.324  0.537   9.759  1.00 0.50 ? 26 GLY A C    1 
ATOM 390 O O    . GLY A 1 26 ? -3.458  1.638   10.257 1.00 0.90 ? 26 GLY A O    1 
ATOM 391 H H    . GLY A 1 26 ? -2.360  -2.458  9.554  1.00 0.62 ? 26 GLY A H    1 
ATOM 392 H HA2  . GLY A 1 26 ? -3.800  -1.206  10.920 1.00 0.57 ? 26 GLY A HA2  1 
ATOM 393 H HA3  . GLY A 1 26 ? -2.390  -0.318  11.491 1.00 0.60 ? 26 GLY A HA3  1 
ATOM 394 N N    . ARG A 1 27 ? -3.527  0.332   8.481  1.00 0.42 ? 27 ARG A N    1 
ATOM 395 C CA   . ARG A 1 27 ? -3.935  1.458   7.587  1.00 0.46 ? 27 ARG A CA   1 
ATOM 396 C C    . ARG A 1 27 ? -5.342  1.197   7.035  1.00 0.59 ? 27 ARG A C    1 
ATOM 397 O O    . ARG A 1 27 ? -5.820  0.076   7.043  1.00 1.40 ? 27 ARG A O    1 
ATOM 398 C CB   . ARG A 1 27 ? -2.893  1.471   6.460  1.00 0.50 ? 27 ARG A CB   1 
ATOM 399 C CG   . ARG A 1 27 ? -2.022  2.728   6.569  1.00 0.55 ? 27 ARG A CG   1 
ATOM 400 C CD   . ARG A 1 27 ? -1.179  2.671   7.850  1.00 0.77 ? 27 ARG A CD   1 
ATOM 401 N NE   . ARG A 1 27 ? -1.457  3.952   8.562  1.00 0.85 ? 27 ARG A NE   1 
ATOM 402 C CZ   . ARG A 1 27 ? -1.219  4.055   9.844  1.00 1.14 ? 27 ARG A CZ   1 
ATOM 403 N NH1  . ARG A 1 27 ? 0.010   3.984   10.289 1.00 1.80 ? 27 ARG A NH1  1 
ATOM 404 N NH2  . ARG A 1 27 ? -2.210  4.231   10.680 1.00 1.70 ? 27 ARG A NH2  1 
ATOM 405 H H    . ARG A 1 27 ? -3.417  -0.568  8.107  1.00 0.67 ? 27 ARG A H    1 
ATOM 406 H HA   . ARG A 1 27 ? -3.910  2.393   8.124  1.00 0.50 ? 27 ARG A HA   1 
ATOM 407 H HB2  . ARG A 1 27 ? -2.266  0.596   6.541  1.00 0.78 ? 27 ARG A HB2  1 
ATOM 408 H HB3  . ARG A 1 27 ? -3.396  1.466   5.505  1.00 0.65 ? 27 ARG A HB3  1 
ATOM 409 H HG2  . ARG A 1 27 ? -1.367  2.783   5.712  1.00 1.01 ? 27 ARG A HG2  1 
ATOM 410 H HG3  . ARG A 1 27 ? -2.655  3.601   6.595  1.00 1.13 ? 27 ARG A HG3  1 
ATOM 411 H HD2  . ARG A 1 27 ? -1.477  1.828   8.458  1.00 1.50 ? 27 ARG A HD2  1 
ATOM 412 H HD3  . ARG A 1 27 ? -0.131  2.607   7.605  1.00 1.37 ? 27 ARG A HD3  1 
ATOM 413 H HE   . ARG A 1 27 ? -1.817  4.721   8.070  1.00 1.43 ? 27 ARG A HE   1 
ATOM 414 H HH11 . ARG A 1 27 ? 0.768   3.853   9.650  1.00 2.30 ? 27 ARG A HH11 1 
ATOM 415 H HH12 . ARG A 1 27 ? 0.193   4.063   11.270 1.00 2.17 ? 27 ARG A HH12 1 
ATOM 416 H HH21 . ARG A 1 27 ? -3.148  4.287   10.338 1.00 2.20 ? 27 ARG A HH21 1 
ATOM 417 H HH22 . ARG A 1 27 ? -2.030  4.310   11.661 1.00 2.04 ? 27 ARG A HH22 1 
ATOM 418 N N    . SER A 1 28 ? -6.010  2.224   6.568  1.00 0.63 ? 28 SER A N    1 
ATOM 419 C CA   . SER A 1 28 ? -7.395  2.044   6.025  1.00 0.63 ? 28 SER A CA   1 
ATOM 420 C C    . SER A 1 28 ? -7.398  1.054   4.848  1.00 0.59 ? 28 SER A C    1 
ATOM 421 O O    . SER A 1 28 ? -8.147  0.095   4.845  1.00 0.86 ? 28 SER A O    1 
ATOM 422 C CB   . SER A 1 28 ? -7.830  3.436   5.560  1.00 0.76 ? 28 SER A CB   1 
ATOM 423 O OG   . SER A 1 28 ? -9.227  3.430   5.297  1.00 1.39 ? 28 SER A OG   1 
ATOM 424 H H    . SER A 1 28 ? -5.602  3.116   6.581  1.00 1.24 ? 28 SER A H    1 
ATOM 425 H HA   . SER A 1 28 ? -8.057  1.698   6.803  1.00 0.68 ? 28 SER A HA   1 
ATOM 426 H HB2  . SER A 1 28 ? -7.617  4.157   6.331  1.00 1.16 ? 28 SER A HB2  1 
ATOM 427 H HB3  . SER A 1 28 ? -7.286  3.699   4.664  1.00 1.13 ? 28 SER A HB3  1 
ATOM 428 H HG   . SER A 1 28 ? -9.624  4.155   5.785  1.00 1.68 ? 28 SER A HG   1 
ATOM 429 N N    . GLY A 1 29 ? -6.569  1.278   3.855  1.00 0.56 ? 29 GLY A N    1 
ATOM 430 C CA   . GLY A 1 29 ? -6.528  0.345   2.685  1.00 0.57 ? 29 GLY A CA   1 
ATOM 431 C C    . GLY A 1 29 ? -5.568  0.885   1.617  1.00 0.52 ? 29 GLY A C    1 
ATOM 432 O O    . GLY A 1 29 ? -4.867  1.852   1.836  1.00 0.78 ? 29 GLY A O    1 
ATOM 433 H H    . GLY A 1 29 ? -5.975  2.057   3.880  1.00 0.76 ? 29 GLY A H    1 
ATOM 434 H HA2  . GLY A 1 29 ? -6.190  -0.628  3.015  1.00 0.67 ? 29 GLY A HA2  1 
ATOM 435 H HA3  . GLY A 1 29 ? -7.517  0.258   2.262  1.00 0.59 ? 29 GLY A HA3  1 
ATOM 436 N N    . TYR A 1 30 ? -5.537  0.264   0.463  1.00 0.54 ? 30 TYR A N    1 
ATOM 437 C CA   . TYR A 1 30 ? -4.624  0.738   -0.626 1.00 0.49 ? 30 TYR A CA   1 
ATOM 438 C C    . TYR A 1 30 ? -5.233  1.957   -1.333 1.00 0.44 ? 30 TYR A C    1 
ATOM 439 O O    . TYR A 1 30 ? -6.364  1.920   -1.785 1.00 0.65 ? 30 TYR A O    1 
ATOM 440 C CB   . TYR A 1 30 ? -4.495  -0.449  -1.594 1.00 0.57 ? 30 TYR A CB   1 
ATOM 441 C CG   . TYR A 1 30 ? -3.832  -0.004  -2.884 1.00 0.82 ? 30 TYR A CG   1 
ATOM 442 C CD1  . TYR A 1 30 ? -4.466  -0.233  -4.111 1.00 1.39 ? 30 TYR A CD1  1 
ATOM 443 C CD2  . TYR A 1 30 ? -2.587  0.639   -2.850 1.00 1.74 ? 30 TYR A CD2  1 
ATOM 444 C CE1  . TYR A 1 30 ? -3.858  0.180   -5.302 1.00 1.66 ? 30 TYR A CE1  1 
ATOM 445 C CE2  . TYR A 1 30 ? -1.979  1.052   -4.041 1.00 2.09 ? 30 TYR A CE2  1 
ATOM 446 C CZ   . TYR A 1 30 ? -2.614  0.823   -5.267 1.00 1.68 ? 30 TYR A CZ   1 
ATOM 447 O OH   . TYR A 1 30 ? -2.014  1.230   -6.442 1.00 2.14 ? 30 TYR A OH   1 
ATOM 448 H H    . TYR A 1 30 ? -6.113  -0.513  0.312  1.00 0.79 ? 30 TYR A H    1 
ATOM 449 H HA   . TYR A 1 30 ? -3.655  0.987   -0.221 1.00 0.51 ? 30 TYR A HA   1 
ATOM 450 H HB2  . TYR A 1 30 ? -3.899  -1.223  -1.134 1.00 0.70 ? 30 TYR A HB2  1 
ATOM 451 H HB3  . TYR A 1 30 ? -5.477  -0.839  -1.815 1.00 0.68 ? 30 TYR A HB3  1 
ATOM 452 H HD1  . TYR A 1 30 ? -5.425  -0.729  -4.139 1.00 2.12 ? 30 TYR A HD1  1 
ATOM 453 H HD2  . TYR A 1 30 ? -2.097  0.818   -1.905 1.00 2.47 ? 30 TYR A HD2  1 
ATOM 454 H HE1  . TYR A 1 30 ? -4.348  0.002   -6.249 1.00 2.36 ? 30 TYR A HE1  1 
ATOM 455 H HE2  . TYR A 1 30 ? -1.020  1.548   -4.015 1.00 2.97 ? 30 TYR A HE2  1 
ATOM 456 H HH   . TYR A 1 30 ? -2.202  2.164   -6.565 1.00 2.33 ? 30 TYR A HH   1 
ATOM 457 N N    . ALA A 1 31 ? -4.488  3.032   -1.435 1.00 0.34 ? 31 ALA A N    1 
ATOM 458 C CA   . ALA A 1 31 ? -5.014  4.255   -2.118 1.00 0.40 ? 31 ALA A CA   1 
ATOM 459 C C    . ALA A 1 31 ? -4.364  4.414   -3.498 1.00 0.43 ? 31 ALA A C    1 
ATOM 460 O O    . ALA A 1 31 ? -5.030  4.332   -4.513 1.00 0.51 ? 31 ALA A O    1 
ATOM 461 C CB   . ALA A 1 31 ? -4.639  5.427   -1.204 1.00 0.45 ? 31 ALA A CB   1 
ATOM 462 H H    . ALA A 1 31 ? -3.579  3.034   -1.067 1.00 0.40 ? 31 ALA A H    1 
ATOM 463 H HA   . ALA A 1 31 ? -6.087  4.196   -2.214 1.00 0.48 ? 31 ALA A HA   1 
ATOM 464 H HB1  . ALA A 1 31 ? -3.622  5.733   -1.408 1.00 1.11 ? 31 ALA A HB1  1 
ATOM 465 H HB2  . ALA A 1 31 ? -4.723  5.124   -0.172 1.00 1.13 ? 31 ALA A HB2  1 
ATOM 466 H HB3  . ALA A 1 31 ? -5.305  6.256   -1.392 1.00 1.08 ? 31 ALA A HB3  1 
ATOM 467 N N    . TYR A 1 32 ? -3.071  4.649   -3.539 1.00 0.39 ? 32 TYR A N    1 
ATOM 468 C CA   . TYR A 1 32 ? -2.371  4.827   -4.853 1.00 0.45 ? 32 TYR A CA   1 
ATOM 469 C C    . TYR A 1 32 ? -0.849  4.882   -4.652 1.00 0.42 ? 32 TYR A C    1 
ATOM 470 O O    . TYR A 1 32 ? -0.367  5.148   -3.567 1.00 0.61 ? 32 TYR A O    1 
ATOM 471 C CB   . TYR A 1 32 ? -2.879  6.171   -5.408 1.00 0.56 ? 32 TYR A CB   1 
ATOM 472 C CG   . TYR A 1 32 ? -2.597  7.285   -4.416 1.00 0.57 ? 32 TYR A CG   1 
ATOM 473 C CD1  . TYR A 1 32 ? -3.565  7.639   -3.469 1.00 1.23 ? 32 TYR A CD1  1 
ATOM 474 C CD2  . TYR A 1 32 ? -1.369  7.956   -4.444 1.00 1.32 ? 32 TYR A CD2  1 
ATOM 475 C CE1  . TYR A 1 32 ? -3.305  8.660   -2.548 1.00 1.26 ? 32 TYR A CE1  1 
ATOM 476 C CE2  . TYR A 1 32 ? -1.109  8.978   -3.525 1.00 1.37 ? 32 TYR A CE2  1 
ATOM 477 C CZ   . TYR A 1 32 ? -2.076  9.331   -2.577 1.00 0.71 ? 32 TYR A CZ   1 
ATOM 478 O OH   . TYR A 1 32 ? -1.817  10.338  -1.668 1.00 0.82 ? 32 TYR A OH   1 
ATOM 479 H H    . TYR A 1 32 ? -2.560  4.715   -2.705 1.00 0.35 ? 32 TYR A H    1 
ATOM 480 H HA   . TYR A 1 32 ? -2.631  4.030   -5.529 1.00 0.50 ? 32 TYR A HA   1 
ATOM 481 H HB2  . TYR A 1 32 ? -2.376  6.386   -6.340 1.00 0.63 ? 32 TYR A HB2  1 
ATOM 482 H HB3  . TYR A 1 32 ? -3.943  6.107   -5.583 1.00 0.61 ? 32 TYR A HB3  1 
ATOM 483 H HD1  . TYR A 1 32 ? -4.513  7.122   -3.445 1.00 2.04 ? 32 TYR A HD1  1 
ATOM 484 H HD2  . TYR A 1 32 ? -0.620  7.685   -5.175 1.00 2.13 ? 32 TYR A HD2  1 
ATOM 485 H HE1  . TYR A 1 32 ? -4.052  8.931   -1.817 1.00 2.06 ? 32 TYR A HE1  1 
ATOM 486 H HE2  . TYR A 1 32 ? -0.161  9.494   -3.546 1.00 2.19 ? 32 TYR A HE2  1 
ATOM 487 H HH   . TYR A 1 32 ? -1.402  9.943   -0.897 1.00 1.14 ? 32 TYR A HH   1 
ATOM 488 N N    . CYS A 1 33 ? -0.095  4.656   -5.699 1.00 0.36 ? 33 CYS A N    1 
ATOM 489 C CA   . CYS A 1 33 ? 1.395   4.717   -5.587 1.00 0.33 ? 33 CYS A CA   1 
ATOM 490 C C    . CYS A 1 33 ? 1.901   5.964   -6.319 1.00 0.37 ? 33 CYS A C    1 
ATOM 491 O O    . CYS A 1 33 ? 1.810   6.059   -7.530 1.00 0.54 ? 33 CYS A O    1 
ATOM 492 C CB   . CYS A 1 33 ? 1.912   3.447   -6.270 1.00 0.36 ? 33 CYS A CB   1 
ATOM 493 S SG   . CYS A 1 33 ? 1.560   2.001   -5.238 1.00 0.70 ? 33 CYS A SG   1 
ATOM 494 H H    . CYS A 1 33 ? -0.511  4.461   -6.566 1.00 0.48 ? 33 CYS A H    1 
ATOM 495 H HA   . CYS A 1 33 ? 1.700   4.737   -4.549 1.00 0.32 ? 33 CYS A HA   1 
ATOM 496 H HB2  . CYS A 1 33 ? 1.425   3.331   -7.227 1.00 0.63 ? 33 CYS A HB2  1 
ATOM 497 H HB3  . CYS A 1 33 ? 2.979   3.529   -6.420 1.00 0.74 ? 33 CYS A HB3  1 
ATOM 498 N N    . SER A 1 34 ? 2.420   6.924   -5.595 1.00 0.35 ? 34 SER A N    1 
ATOM 499 C CA   . SER A 1 34 ? 2.919   8.173   -6.248 1.00 0.38 ? 34 SER A CA   1 
ATOM 500 C C    . SER A 1 34 ? 4.371   8.455   -5.841 1.00 0.49 ? 34 SER A C    1 
ATOM 501 O O    . SER A 1 34 ? 4.850   7.966   -4.834 1.00 1.08 ? 34 SER A O    1 
ATOM 502 C CB   . SER A 1 34 ? 1.987   9.276   -5.740 1.00 0.51 ? 34 SER A CB   1 
ATOM 503 O OG   . SER A 1 34 ? 1.718   10.187  -6.799 1.00 0.73 ? 34 SER A OG   1 
ATOM 504 H H    . SER A 1 34 ? 2.474   6.827   -4.621 1.00 0.43 ? 34 SER A H    1 
ATOM 505 H HA   . SER A 1 34 ? 2.841   8.093   -7.321 1.00 0.46 ? 34 SER A HA   1 
ATOM 506 H HB2  . SER A 1 34 ? 1.058   8.842   -5.404 1.00 0.57 ? 34 SER A HB2  1 
ATOM 507 H HB3  . SER A 1 34 ? 2.459   9.795   -4.916 1.00 0.61 ? 34 SER A HB3  1 
ATOM 508 H HG   . SER A 1 34 ? 2.372   10.888  -6.759 1.00 1.00 ? 34 SER A HG   1 
ATOM 509 N N    . GLY A 1 35 ? 5.074   9.241   -6.623 1.00 0.73 ? 35 GLY A N    1 
ATOM 510 C CA   . GLY A 1 35 ? 6.497   9.565   -6.298 1.00 0.81 ? 35 GLY A CA   1 
ATOM 511 C C    . GLY A 1 35 ? 7.339   8.286   -6.349 1.00 0.86 ? 35 GLY A C    1 
ATOM 512 O O    . GLY A 1 35 ? 7.555   7.719   -7.404 1.00 1.61 ? 35 GLY A O    1 
ATOM 513 H H    . GLY A 1 35 ? 4.663   9.620   -7.430 1.00 1.21 ? 35 GLY A H    1 
ATOM 514 H HA2  . GLY A 1 35 ? 6.877   10.276  -7.016 1.00 1.02 ? 35 GLY A HA2  1 
ATOM 515 H HA3  . GLY A 1 35 ? 6.552   9.989   -5.306 1.00 1.14 ? 35 GLY A HA3  1 
ATOM 516 N N    . GLY A 1 36 ? 7.808   7.830   -5.213 1.00 1.27 ? 36 GLY A N    1 
ATOM 517 C CA   . GLY A 1 36 ? 8.632   6.583   -5.178 1.00 1.69 ? 36 GLY A CA   1 
ATOM 518 C C    . GLY A 1 36 ? 8.198   5.718   -3.992 1.00 0.99 ? 36 GLY A C    1 
ATOM 519 O O    . GLY A 1 36 ? 9.023   5.211   -3.254 1.00 1.02 ? 36 GLY A O    1 
ATOM 520 H H    . GLY A 1 36 ? 7.613   8.306   -4.379 1.00 1.84 ? 36 GLY A H    1 
ATOM 521 H HA2  . GLY A 1 36 ? 8.494   6.032   -6.098 1.00 2.28 ? 36 GLY A HA2  1 
ATOM 522 H HA3  . GLY A 1 36 ? 9.673   6.844   -5.067 1.00 2.22 ? 36 GLY A HA3  1 
ATOM 523 N N    . GLY A 1 37 ? 6.911   5.548   -3.801 1.00 0.70 ? 37 GLY A N    1 
ATOM 524 C CA   . GLY A 1 37 ? 6.423   4.721   -2.658 1.00 0.62 ? 37 GLY A CA   1 
ATOM 525 C C    . GLY A 1 37 ? 4.896   4.593   -2.714 1.00 0.48 ? 37 GLY A C    1 
ATOM 526 O O    . GLY A 1 37 ? 4.205   5.492   -3.155 1.00 1.04 ? 37 GLY A O    1 
ATOM 527 H H    . GLY A 1 37 ? 6.266   5.970   -4.408 1.00 1.00 ? 37 GLY A H    1 
ATOM 528 H HA2  . GLY A 1 37 ? 6.868   3.739   -2.710 1.00 1.15 ? 37 GLY A HA2  1 
ATOM 529 H HA3  . GLY A 1 37 ? 6.705   5.192   -1.730 1.00 1.05 ? 37 GLY A HA3  1 
ATOM 530 N N    . MET A 1 38 ? 4.368   3.481   -2.259 1.00 0.44 ? 38 MET A N    1 
ATOM 531 C CA   . MET A 1 38 ? 2.884   3.285   -2.272 1.00 0.50 ? 38 MET A CA   1 
ATOM 532 C C    . MET A 1 38 ? 2.244   4.041   -1.103 1.00 0.41 ? 38 MET A C    1 
ATOM 533 O O    . MET A 1 38 ? 2.830   4.176   -0.044 1.00 0.53 ? 38 MET A O    1 
ATOM 534 C CB   . MET A 1 38 ? 2.675   1.774   -2.118 1.00 0.92 ? 38 MET A CB   1 
ATOM 535 C CG   . MET A 1 38 ? 1.179   1.463   -1.975 1.00 1.70 ? 38 MET A CG   1 
ATOM 536 S SD   . MET A 1 38 ? 0.830   -0.164  -2.689 1.00 2.64 ? 38 MET A SD   1 
ATOM 537 C CE   . MET A 1 38 ? -0.099  -0.847  -1.294 1.00 3.30 ? 38 MET A CE   1 
ATOM 538 H H    . MET A 1 38 ? 4.950   2.777   -1.902 1.00 0.89 ? 38 MET A H    1 
ATOM 539 H HA   . MET A 1 38 ? 2.470   3.621   -3.209 1.00 0.64 ? 38 MET A HA   1 
ATOM 540 H HB2  . MET A 1 38 ? 3.067   1.269   -2.988 1.00 1.04 ? 38 MET A HB2  1 
ATOM 541 H HB3  . MET A 1 38 ? 3.197   1.431   -1.239 1.00 1.00 ? 38 MET A HB3  1 
ATOM 542 H HG2  . MET A 1 38 ? 0.910   1.464   -0.929 1.00 2.08 ? 38 MET A HG2  1 
ATOM 543 H HG3  . MET A 1 38 ? 0.604   2.215   -2.495 1.00 2.02 ? 38 MET A HG3  1 
ATOM 544 H HE1  . MET A 1 38 ? -1.000  -1.319  -1.660 1.00 3.71 ? 38 MET A HE1  1 
ATOM 545 H HE2  . MET A 1 38 ? -0.363  -0.056  -0.611 1.00 3.51 ? 38 MET A HE2  1 
ATOM 546 H HE3  . MET A 1 38 ? 0.511   -1.576  -0.779 1.00 3.72 ? 38 MET A HE3  1 
ATOM 547 N N    . TYR A 1 39 ? 1.046   4.535   -1.292 1.00 0.37 ? 39 TYR A N    1 
ATOM 548 C CA   . TYR A 1 39 ? 0.360   5.287   -0.200 1.00 0.32 ? 39 TYR A CA   1 
ATOM 549 C C    . TYR A 1 39 ? -0.979  4.629   0.145  1.00 0.35 ? 39 TYR A C    1 
ATOM 550 O O    . TYR A 1 39 ? -1.773  4.325   -0.726 1.00 0.49 ? 39 TYR A O    1 
ATOM 551 C CB   . TYR A 1 39 ? 0.132   6.696   -0.759 1.00 0.35 ? 39 TYR A CB   1 
ATOM 552 C CG   . TYR A 1 39 ? 1.462   7.369   -1.014 1.00 0.32 ? 39 TYR A CG   1 
ATOM 553 C CD1  . TYR A 1 39 ? 2.384   7.518   0.028  1.00 1.23 ? 39 TYR A CD1  1 
ATOM 554 C CD2  . TYR A 1 39 ? 1.771   7.841   -2.294 1.00 1.24 ? 39 TYR A CD2  1 
ATOM 555 C CE1  . TYR A 1 39 ? 3.613   8.143   -0.210 1.00 1.22 ? 39 TYR A CE1  1 
ATOM 556 C CE2  . TYR A 1 39 ? 3.001   8.466   -2.531 1.00 1.28 ? 39 TYR A CE2  1 
ATOM 557 C CZ   . TYR A 1 39 ? 3.923   8.616   -1.489 1.00 0.43 ? 39 TYR A CZ   1 
ATOM 558 O OH   . TYR A 1 39 ? 5.136   9.231   -1.725 1.00 0.54 ? 39 TYR A OH   1 
ATOM 559 H H    . TYR A 1 39 ? 0.598   4.412   -2.156 1.00 0.51 ? 39 TYR A H    1 
ATOM 560 H HA   . TYR A 1 39 ? 0.989   5.338   0.675  1.00 0.31 ? 39 TYR A HA   1 
ATOM 561 H HB2  . TYR A 1 39 ? -0.421  6.630   -1.684 1.00 0.41 ? 39 TYR A HB2  1 
ATOM 562 H HB3  . TYR A 1 39 ? -0.432  7.278   -0.045 1.00 0.41 ? 39 TYR A HB3  1 
ATOM 563 H HD1  . TYR A 1 39 ? 2.146   7.152   1.014  1.00 2.13 ? 39 TYR A HD1  1 
ATOM 564 H HD2  . TYR A 1 39 ? 1.062   7.723   -3.101 1.00 2.12 ? 39 TYR A HD2  1 
ATOM 565 H HE1  . TYR A 1 39 ? 4.324   8.257   0.595  1.00 2.10 ? 39 TYR A HE1  1 
ATOM 566 H HE2  . TYR A 1 39 ? 3.237   8.831   -3.517 1.00 2.19 ? 39 TYR A HE2  1 
ATOM 567 H HH   . TYR A 1 39 ? 5.022   10.175  -1.594 1.00 1.00 ? 39 TYR A HH   1 
ATOM 568 N N    . CYS A 1 40 ? -1.233  4.418   1.412  1.00 0.34 ? 40 CYS A N    1 
ATOM 569 C CA   . CYS A 1 40 ? -2.524  3.793   1.833  1.00 0.42 ? 40 CYS A CA   1 
ATOM 570 C C    . CYS A 1 40 ? -3.521  4.886   2.233  1.00 0.45 ? 40 CYS A C    1 
ATOM 571 O O    . CYS A 1 40 ? -3.158  6.037   2.400  1.00 0.58 ? 40 CYS A O    1 
ATOM 572 C CB   . CYS A 1 40 ? -2.177  2.917   3.040  1.00 0.40 ? 40 CYS A CB   1 
ATOM 573 S SG   . CYS A 1 40 ? -0.988  1.642   2.550  1.00 0.87 ? 40 CYS A SG   1 
ATOM 574 H H    . CYS A 1 40 ? -0.576  4.682   2.091  1.00 0.39 ? 40 CYS A H    1 
ATOM 575 H HA   . CYS A 1 40 ? -2.927  3.186   1.038  1.00 0.57 ? 40 CYS A HA   1 
ATOM 576 H HB2  . CYS A 1 40 ? -1.744  3.531   3.816  1.00 0.46 ? 40 CYS A HB2  1 
ATOM 577 H HB3  . CYS A 1 40 ? -3.075  2.447   3.412  1.00 0.53 ? 40 CYS A HB3  1 
ATOM 578 N N    . ASN A 1 41 ? -4.773  4.537   2.390  1.00 0.57 ? 41 ASN A N    1 
ATOM 579 C CA   . ASN A 1 41 ? -5.798  5.556   2.782  1.00 0.70 ? 41 ASN A CA   1 
ATOM 580 C C    . ASN A 1 41 ? -5.659  5.921   4.269  1.00 0.66 ? 41 ASN A C    1 
ATOM 581 O O    . ASN A 1 41 ? -5.987  7.046   4.612  1.00 1.31 ? 41 ASN A O    1 
ATOM 582 C CB   . ASN A 1 41 ? -7.152  4.890   2.510  1.00 0.88 ? 41 ASN A CB   1 
ATOM 583 C CG   . ASN A 1 41 ? -7.447  4.921   1.008  1.00 1.12 ? 41 ASN A CG   1 
ATOM 584 O OD1  . ASN A 1 41 ? -7.249  3.939   0.320  1.00 1.59 ? 41 ASN A OD1  1 
ATOM 585 N ND2  . ASN A 1 41 ? -7.913  6.014   0.465  1.00 1.62 ? 41 ASN A ND2  1 
ATOM 586 O OXT  . ASN A 1 41 ? -5.227  5.075   5.038  1.00 1.22 ? 41 ASN A OXT  1 
ATOM 587 H H    . ASN A 1 41 ? -5.039  3.603   2.252  1.00 0.69 ? 41 ASN A H    1 
ATOM 588 H HA   . ASN A 1 41 ? -5.697  6.440   2.170  1.00 0.83 ? 41 ASN A HA   1 
ATOM 589 H HB2  . ASN A 1 41 ? -7.124  3.866   2.852  1.00 0.97 ? 41 ASN A HB2  1 
ATOM 590 H HB3  . ASN A 1 41 ? -7.928  5.426   3.037  1.00 1.00 ? 41 ASN A HB3  1 
ATOM 591 H HD21 . ASN A 1 41 ? -8.072  6.807   1.019  1.00 2.10 ? 41 ASN A HD21 1 
ATOM 592 H HD22 . ASN A 1 41 ? -8.104  6.040   -0.496 1.00 1.84 ? 41 ASN A HD22 1 
# 
